data_9NEL
#
_entry.id   9NEL
#
_cell.length_a   1.00
_cell.length_b   1.00
_cell.length_c   1.00
_cell.angle_alpha   90.00
_cell.angle_beta   90.00
_cell.angle_gamma   90.00
#
_symmetry.space_group_name_H-M   'P 1'
#
loop_
_entity.id
_entity.type
_entity.pdbx_description
1 polymer 'DNA primase'
2 polymer 'DNA replication helicase'
3 non-polymer Amenamevir
#
loop_
_entity_poly.entity_id
_entity_poly.type
_entity_poly.pdbx_seq_one_letter_code
_entity_poly.pdbx_strand_id
1 'polypeptide(L)'
;MGQEDGNRGERRAAGTPVEVTALYATDGCVITSSIALLTNSLLGAEPVYIFSYDAYTHDGRADGPTEQDRFEESRALYQA
SGGLNGDSFRVTFCLLGTEVGGTHQARGRTRPMFVCRFERADDVAALQDALAHGTPLQPDHIAATLDAEATFALHANMIL
ALTVAINNASPRTGRDAAAAQYDQGASLRSLVGRTSLGQRGLTTLYVHHEVRVLAAYRRAYYGSAQSPFWFLSKFGPDEK
SLVLTTRYYLLQAQRLGGATATYDLQAIKDICATYAIPHAPRPDTVSAASLTSFAAITRFCCTSQYARGAAAAGFPLYVE
RRIAADVRETSALEKFITHDRSCLRVSDREFITYIYLAHFECFSPPRLATHLRAVTTHDPNPAASTEQPSPLGREAVEQF
FCHVRAQLNIGEYVKHNVTPRETVLDGDTAKAYLRARTYAPGALTPAPAYCGAVDSATKMMGRLADAEKLLVPRGWPAFA
PASPGEDTAGGTPPPQTCGIVKRLLRLAATEQQGPTPPAIAALIRNAAVQTPLPVYRISMVPTGQAFAALAWDDWARITR
DARLAEAVVSAEAAAHPDHGALGRRLTDRIRAQGPVMPPGGLDAGGQMYVNRNEIFNGALAITNIILDLDIALKEPVPFR
RLHEALGHFRRGALAAVQLLFPAARVDPDAYPCYFFKSACRPGPASVGSGSGLGNDDDGDWFPCYDDAGDEEWAEDPGAM
DTSHDPPDDEVAYFDLCHEVGPTAEPRETDSPVCSCTDKIGLRVCMPVPAPYVVHGSLTMRGVARVIQQAVLLDRDFVEA
IGSYVKNFLLIDTGVYAHGHSLRLPYFAKIAPDGPACGRLLPVFVIPPACKDVPAFVAAHADPRRFHFHAPPTYLASPRE
IRVLHSLGGDYVSFFERKASRNALEHFGRRETLTEVLGRYNVQPDAGGTVEGFASELLGRIVACIETHFPEHAGEYQAVS
VRRAVSKDDWVLLQLVPVRGTLQQSLSCLRFKHGRASRATARTFVALSVGANNRLCVSLCQQCFAAKCDSNRLHTLFTID
AGTPCSPSVPCSTSQPSS
;
A
2 'polypeptide(L)'
;TSMHGVQPILKRIRELSQQQLDGAQVPHLQWFRDVAALESPAGLPLREFPFAVYLITGNAGSGKSTCVQTINEVLDCVVT
GATRIAAQNMYAKLSGAFLSRPINTIFHEFGFRGNHVQAQLGQYPYTLTSNPASLEDLQRRDLTYYWEVILDLTKRALAA
SGGEELRNEFRALAALERTLGLAEGALTRLAPATHGALPAFTRSNVIVIDEAGLLGRHLLTAVVYCWWMINALYHTPQYA
ARLRPVLVCVGSPTQTASLESTFEHQKLRCSVRQSENVLTYLICNRTLREYARLSYSWAIFINNKRCVEHEFGNLMKVLE
YGLPITEEHMQFVDRFVVPENYITNPANLPGWTRLFSSHKEVSAYMAKLHAYLKVTREGEFVVFTLPVLTFVSVKEFDEY
RRLTHQPGLTIEKWLTANASRITNYSQSQDQDAGHMRCEVHSKQQLVVARNDVTYVLNSQIAVTARLRKLVFGFSGTFRA
FEAVLRDDSFVKTQGETSVEFAYRFLSRLIFSGLISFYNFLQRPGLDATQRTLAYARMGELTAEILSLRPKSSGVPTQAS
VMADAGAPGERAFDFKQLGPRDGGPDDFPDDDLDVIFAGLDEQQLDVFYCHYTPGEPETTAAVHTQFALLKRAFLGRFRI
LQELFGEAFEVAPFSTYVDNVIFRGCEMLTGSPRGGLMSVALQTDNYTLMGYTYARVFAFADELRRRHATANVAELLEEA
PLPYVVLRDQHGFMSVVNTNISEFVESIDSTELAMAINADYGISSKLAMTITRSQGLSLDKVAICFTPGNLRLNSAYVAM
SRTTSSEFLRMNLNPLRERHERDDVISEHILSALRDPNVVIVY
;
B
#
loop_
_chem_comp.id
_chem_comp.type
_chem_comp.name
_chem_comp.formula
A1BXD non-polymer Amenamevir 'C24 H26 N4 O5 S'
#
# COMPACT_ATOMS: atom_id res chain seq x y z
N PRO A 17 -33.96 -1.59 25.47
CA PRO A 17 -32.75 -2.39 25.29
C PRO A 17 -31.66 -1.65 24.52
N VAL A 18 -30.84 -0.90 25.26
CA VAL A 18 -29.74 -0.14 24.67
C VAL A 18 -28.66 -1.10 24.19
N GLU A 19 -28.23 -0.95 22.93
CA GLU A 19 -27.20 -1.80 22.37
C GLU A 19 -25.82 -1.19 22.62
N VAL A 20 -24.92 -1.99 23.19
CA VAL A 20 -23.58 -1.55 23.55
C VAL A 20 -22.59 -2.54 22.94
N THR A 21 -21.99 -2.16 21.81
CA THR A 21 -20.94 -2.98 21.25
C THR A 21 -19.59 -2.58 21.86
N ALA A 22 -18.84 -3.58 22.31
CA ALA A 22 -17.64 -3.31 23.10
C ALA A 22 -16.49 -4.18 22.58
N LEU A 23 -15.36 -3.54 22.30
CA LEU A 23 -14.13 -4.25 21.96
C LEU A 23 -13.33 -4.45 23.24
N TYR A 24 -13.35 -5.67 23.77
CA TYR A 24 -12.71 -5.93 25.05
C TYR A 24 -11.25 -6.31 24.84
N ALA A 25 -10.49 -6.31 25.93
CA ALA A 25 -9.10 -6.74 25.91
C ALA A 25 -8.80 -7.51 27.18
N THR A 26 -7.85 -8.44 27.09
CA THR A 26 -7.42 -9.25 28.22
C THR A 26 -5.93 -9.05 28.44
N ASP A 27 -5.40 -9.74 29.43
CA ASP A 27 -3.99 -9.66 29.77
C ASP A 27 -3.13 -10.40 28.75
N CYS A 29 -3.61 -14.98 26.77
CA CYS A 29 -4.13 -14.76 25.43
C CYS A 29 -5.62 -14.45 25.46
N VAL A 30 -6.04 -13.55 24.56
CA VAL A 30 -7.44 -13.16 24.50
C VAL A 30 -8.30 -14.34 24.03
N ILE A 31 -7.82 -15.08 23.03
CA ILE A 31 -8.59 -16.19 22.48
C ILE A 31 -8.80 -17.28 23.52
N THR A 32 -7.74 -17.66 24.23
CA THR A 32 -7.87 -18.69 25.26
C THR A 32 -8.82 -18.25 26.36
N SER A 33 -8.71 -16.98 26.78
CA SER A 33 -9.59 -16.47 27.81
C SER A 33 -11.05 -16.50 27.36
N SER A 34 -11.31 -16.10 26.12
CA SER A 34 -12.68 -16.11 25.61
C SER A 34 -13.22 -17.54 25.53
N ILE A 35 -12.41 -18.47 25.02
CA ILE A 35 -12.90 -19.85 24.91
C ILE A 35 -13.20 -20.43 26.29
N ALA A 36 -12.31 -20.20 27.25
CA ALA A 36 -12.55 -20.68 28.60
C ALA A 36 -13.80 -20.05 29.19
N LEU A 37 -13.97 -18.74 28.99
CA LEU A 37 -15.12 -18.02 29.53
C LEU A 37 -16.44 -18.53 28.96
N LEU A 38 -16.49 -18.75 27.65
CA LEU A 38 -17.72 -19.28 27.05
C LEU A 38 -17.97 -20.74 27.42
N THR A 39 -16.90 -21.54 27.56
CA THR A 39 -17.12 -22.98 27.74
C THR A 39 -17.84 -23.31 29.03
N ASN A 40 -17.17 -23.17 30.18
CA ASN A 40 -17.85 -23.27 31.47
C ASN A 40 -17.23 -22.34 32.51
N SER A 41 -16.20 -21.59 32.13
CA SER A 41 -15.46 -20.81 33.12
C SER A 41 -14.99 -19.48 32.57
N LEU A 43 -10.82 -20.90 35.62
CA LEU A 43 -9.56 -21.44 35.13
C LEU A 43 -8.80 -20.39 34.31
N GLY A 44 -9.04 -20.37 33.01
CA GLY A 44 -8.41 -19.44 32.11
C GLY A 44 -9.13 -18.13 31.93
N ALA A 45 -10.15 -17.86 32.74
CA ALA A 45 -10.96 -16.65 32.61
C ALA A 45 -10.18 -15.46 33.17
N GLU A 46 -9.77 -14.56 32.28
CA GLU A 46 -9.10 -13.35 32.73
C GLU A 46 -10.07 -12.17 32.66
N PRO A 47 -9.97 -11.22 33.59
CA PRO A 47 -10.84 -10.03 33.55
C PRO A 47 -10.70 -9.27 32.24
N VAL A 48 -11.83 -8.98 31.59
CA VAL A 48 -11.82 -8.33 30.29
C VAL A 48 -11.75 -6.82 30.48
N TYR A 49 -11.10 -6.13 29.54
CA TYR A 49 -10.93 -4.69 29.61
C TYR A 49 -11.65 -4.05 28.44
N ILE A 50 -12.71 -3.29 28.74
CA ILE A 50 -13.54 -2.66 27.71
C ILE A 50 -12.79 -1.42 27.23
N PHE A 51 -11.96 -1.59 26.22
CA PHE A 51 -11.14 -0.49 25.72
C PHE A 51 -11.98 0.52 24.95
N SER A 52 -12.92 0.04 24.13
CA SER A 52 -13.83 0.91 23.39
C SER A 52 -15.23 0.33 23.50
N TYR A 53 -16.21 1.20 23.75
CA TYR A 53 -17.61 0.80 23.89
C TYR A 53 -18.48 1.68 23.01
N ASP A 54 -19.49 1.08 22.39
CA ASP A 54 -20.44 1.80 21.56
C ASP A 54 -21.76 1.97 22.30
N ALA A 55 -22.67 2.72 21.69
CA ALA A 55 -23.99 2.95 22.27
C ALA A 55 -24.93 3.45 21.20
N TYR A 56 -26.00 2.70 20.96
CA TYR A 56 -27.02 3.09 19.99
C TYR A 56 -28.32 2.37 20.34
N THR A 57 -29.44 2.98 19.95
CA THR A 57 -30.77 2.43 20.20
C THR A 57 -31.55 2.43 18.88
N HIS A 58 -32.54 1.54 18.78
CA HIS A 58 -33.34 1.43 17.58
C HIS A 58 -34.59 2.31 17.67
N THR A 66 -33.45 13.57 11.66
CA THR A 66 -32.50 14.56 11.15
C THR A 66 -31.18 14.49 11.91
N GLU A 67 -30.20 15.28 11.46
CA GLU A 67 -28.90 15.31 12.13
C GLU A 67 -29.02 15.83 13.55
N GLN A 68 -29.85 16.86 13.76
CA GLN A 68 -30.09 17.36 15.11
C GLN A 68 -30.71 16.29 15.99
N ASP A 69 -31.66 15.53 15.45
CA ASP A 69 -32.29 14.46 16.22
C ASP A 69 -31.26 13.40 16.60
N ARG A 70 -30.38 13.04 15.67
CA ARG A 70 -29.32 12.09 15.97
C ARG A 70 -28.41 12.61 17.07
N PHE A 71 -28.03 13.88 16.99
CA PHE A 71 -27.15 14.48 18.00
C PHE A 71 -27.81 14.45 19.37
N GLU A 72 -29.06 14.87 19.45
CA GLU A 72 -29.76 14.89 20.75
C GLU A 72 -29.94 13.48 21.29
N GLU A 73 -30.29 12.52 20.43
CA GLU A 73 -30.46 11.14 20.89
C GLU A 73 -29.15 10.57 21.42
N SER A 74 -28.05 10.81 20.71
CA SER A 74 -26.76 10.28 21.16
C SER A 74 -26.29 10.96 22.44
N ARG A 75 -26.57 12.26 22.57
CA ARG A 75 -26.15 12.98 23.78
C ARG A 75 -26.98 12.55 24.99
N ALA A 76 -28.28 12.32 24.79
CA ALA A 76 -29.12 11.89 25.89
C ALA A 76 -28.86 10.43 26.25
N LEU A 77 -28.43 9.63 25.28
CA LEU A 77 -28.07 8.24 25.59
C LEU A 77 -26.85 8.19 26.51
N TYR A 78 -25.88 9.07 26.27
CA TYR A 78 -24.78 9.27 27.21
C TYR A 78 -25.22 10.23 28.30
N GLN A 79 -24.28 10.66 29.14
CA GLN A 79 -24.59 11.62 30.19
C GLN A 79 -23.34 12.40 30.54
N ALA A 80 -23.50 13.71 30.80
CA ALA A 80 -22.37 14.54 31.19
C ALA A 80 -21.79 14.11 32.53
N SER A 81 -22.66 13.79 33.48
CA SER A 81 -22.25 13.36 34.82
C SER A 81 -22.14 11.85 34.94
N GLY A 82 -23.20 11.11 34.66
CA GLY A 82 -23.17 9.67 34.72
C GLY A 82 -22.75 9.05 33.40
N GLY A 83 -22.96 7.74 33.31
CA GLY A 83 -22.67 6.98 32.12
C GLY A 83 -23.87 6.84 31.20
N LEU A 84 -23.94 5.70 30.52
CA LEU A 84 -25.05 5.41 29.62
C LEU A 84 -26.36 5.31 30.39
N ASN A 85 -27.35 6.09 29.97
CA ASN A 85 -28.65 6.15 30.63
C ASN A 85 -29.56 5.10 30.01
N GLY A 86 -29.64 3.94 30.65
CA GLY A 86 -30.50 2.87 30.20
C GLY A 86 -30.83 1.86 31.28
N ASP A 87 -32.12 1.53 31.42
CA ASP A 87 -32.52 0.53 32.41
C ASP A 87 -32.13 -0.87 31.98
N SER A 88 -32.20 -1.16 30.68
CA SER A 88 -31.83 -2.45 30.13
C SER A 88 -30.69 -2.28 29.13
N PHE A 89 -29.72 -3.18 29.18
CA PHE A 89 -28.54 -3.11 28.33
C PHE A 89 -28.30 -4.43 27.65
N ARG A 90 -28.17 -4.40 26.33
CA ARG A 90 -27.67 -5.53 25.56
C ARG A 90 -26.26 -5.21 25.07
N VAL A 91 -25.30 -6.01 25.49
CA VAL A 91 -23.88 -5.71 25.28
C VAL A 91 -23.30 -6.80 24.39
N THR A 92 -23.07 -6.47 23.13
CA THR A 92 -22.34 -7.36 22.24
C THR A 92 -20.84 -7.14 22.37
N PHE A 93 -20.10 -8.22 22.54
CA PHE A 93 -18.65 -8.15 22.71
C PHE A 93 -17.99 -8.64 21.43
N CYS A 94 -17.07 -7.85 20.88
CA CYS A 94 -16.45 -8.14 19.60
C CYS A 94 -14.94 -7.99 19.71
N LEU A 95 -14.23 -8.74 18.87
CA LEU A 95 -12.79 -8.65 18.74
C LEU A 95 -12.43 -8.15 17.34
N LEU A 96 -11.13 -7.97 17.10
CA LEU A 96 -10.66 -7.53 15.80
C LEU A 96 -10.56 -8.73 14.85
N GLY A 97 -10.94 -8.48 13.60
CA GLY A 97 -10.94 -9.51 12.58
C GLY A 97 -12.09 -9.29 11.60
N THR A 98 -12.07 -10.05 10.52
CA THR A 98 -13.07 -9.97 9.47
C THR A 98 -14.00 -11.17 9.52
N GLU A 99 -15.30 -10.92 9.43
CA GLU A 99 -16.29 -12.00 9.48
C GLU A 99 -16.28 -12.80 8.19
N GLY A 108 -15.80 -6.08 7.41
CA GLY A 108 -16.00 -5.93 8.84
C GLY A 108 -14.70 -5.85 9.63
N ARG A 109 -14.48 -4.71 10.27
CA ARG A 109 -13.27 -4.54 11.06
C ARG A 109 -13.36 -5.29 12.39
N THR A 110 -14.54 -5.33 12.99
CA THR A 110 -14.77 -6.05 14.22
C THR A 110 -15.81 -7.14 14.00
N ARG A 111 -15.67 -8.22 14.76
CA ARG A 111 -16.52 -9.41 14.62
C ARG A 111 -17.03 -9.79 16.00
N PRO A 112 -18.34 -10.02 16.16
CA PRO A 112 -18.87 -10.34 17.48
C PRO A 112 -18.32 -11.65 18.00
N MET A 113 -18.02 -11.66 19.31
CA MET A 113 -17.30 -12.77 19.93
C MET A 113 -18.25 -13.47 20.90
N PHE A 114 -18.95 -12.70 21.71
CA PHE A 114 -20.05 -13.23 22.51
C PHE A 114 -20.98 -12.07 22.86
N VAL A 115 -22.20 -12.40 23.26
CA VAL A 115 -23.24 -11.42 23.53
C VAL A 115 -23.74 -11.65 24.96
N CYS A 116 -23.83 -10.57 25.72
CA CYS A 116 -24.32 -10.59 27.09
C CYS A 116 -25.37 -9.52 27.30
N ARG A 117 -26.38 -9.83 28.12
CA ARG A 117 -27.44 -8.89 28.49
C ARG A 117 -27.30 -8.56 29.96
N PHE A 118 -27.08 -7.28 30.28
CA PHE A 118 -27.03 -6.81 31.66
C PHE A 118 -28.35 -6.13 32.00
N GLU A 119 -29.28 -6.90 32.56
CA GLU A 119 -30.59 -6.41 32.93
C GLU A 119 -30.79 -6.26 34.43
N ARG A 120 -30.16 -7.10 35.24
CA ARG A 120 -30.28 -7.00 36.69
C ARG A 120 -29.65 -5.70 37.19
N ALA A 121 -30.13 -5.22 38.34
CA ALA A 121 -29.64 -3.95 38.88
C ALA A 121 -28.15 -4.01 39.17
N ASP A 122 -27.68 -5.11 39.77
CA ASP A 122 -26.24 -5.28 39.98
C ASP A 122 -25.49 -5.34 38.65
N ASP A 123 -26.06 -6.01 37.65
CA ASP A 123 -25.44 -6.06 36.33
C ASP A 123 -25.37 -4.67 35.70
N VAL A 124 -26.44 -3.88 35.81
CA VAL A 124 -26.43 -2.53 35.27
C VAL A 124 -25.40 -1.67 35.98
N ALA A 125 -25.32 -1.81 37.31
CA ALA A 125 -24.32 -1.05 38.06
C ALA A 125 -22.91 -1.43 37.65
N ALA A 126 -22.64 -2.72 37.47
CA ALA A 126 -21.33 -3.17 37.04
C ALA A 126 -20.99 -2.64 35.66
N LEU A 127 -21.95 -2.67 34.74
CA LEU A 127 -21.71 -2.14 33.41
C LEU A 127 -21.47 -0.63 33.45
N GLN A 128 -22.20 0.08 34.30
CA GLN A 128 -21.99 1.52 34.44
C GLN A 128 -20.61 1.83 34.99
N ASP A 129 -20.15 1.05 35.97
CA ASP A 129 -18.82 1.23 36.55
C ASP A 129 -17.70 0.77 35.63
N ALA A 130 -18.01 -0.09 34.65
CA ALA A 130 -17.00 -0.56 33.70
C ALA A 130 -16.87 0.36 32.50
N LEU A 131 -17.99 0.79 31.90
CA LEU A 131 -17.93 1.62 30.71
C LEU A 131 -17.41 3.02 31.01
N ALA A 132 -17.69 3.55 32.20
CA ALA A 132 -17.32 4.92 32.52
C ALA A 132 -16.03 4.99 33.33
N HIS A 133 -16.01 4.32 34.48
CA HIS A 133 -14.82 4.38 35.33
C HIS A 133 -13.67 3.59 34.74
N GLY A 134 -13.95 2.42 34.18
CA GLY A 134 -12.93 1.58 33.58
C GLY A 134 -12.63 0.30 34.35
N THR A 135 -13.39 -0.03 35.39
CA THR A 135 -13.13 -1.24 36.14
C THR A 135 -13.38 -2.47 35.25
N PRO A 136 -12.44 -3.41 35.20
CA PRO A 136 -12.65 -4.61 34.38
C PRO A 136 -13.80 -5.46 34.90
N LEU A 137 -14.44 -6.16 33.97
CA LEU A 137 -15.55 -7.06 34.29
C LEU A 137 -14.99 -8.38 34.80
N GLN A 138 -15.44 -8.79 35.98
CA GLN A 138 -15.00 -10.06 36.53
C GLN A 138 -15.61 -11.22 35.74
N PRO A 139 -14.97 -12.39 35.71
CA PRO A 139 -15.53 -13.51 34.95
C PRO A 139 -16.92 -13.93 35.39
N ASP A 140 -17.24 -13.79 36.69
CA ASP A 140 -18.55 -14.20 37.18
C ASP A 140 -19.67 -13.37 36.54
N HIS A 141 -19.45 -12.06 36.40
CA HIS A 141 -20.45 -11.22 35.76
C HIS A 141 -20.66 -11.60 34.30
N ILE A 142 -19.58 -11.89 33.58
CA ILE A 142 -19.69 -12.28 32.17
C ILE A 142 -20.45 -13.60 32.06
N ALA A 143 -20.11 -14.56 32.91
CA ALA A 143 -20.77 -15.86 32.86
C ALA A 143 -22.24 -15.76 33.22
N ALA A 144 -22.59 -14.98 34.24
CA ALA A 144 -23.98 -14.87 34.67
C ALA A 144 -24.85 -14.13 33.66
N THR A 145 -24.32 -13.11 33.01
CA THR A 145 -25.07 -12.29 32.07
C THR A 145 -24.96 -12.81 30.63
N LEU A 146 -24.27 -13.92 30.42
CA LEU A 146 -24.10 -14.44 29.07
C LEU A 146 -25.41 -15.00 28.54
N ASP A 147 -25.82 -14.51 27.36
CA ASP A 147 -27.01 -15.00 26.68
C ASP A 147 -26.60 -16.11 25.74
N ALA A 148 -26.89 -17.34 26.12
CA ALA A 148 -26.45 -18.52 25.38
C ALA A 148 -26.98 -18.54 23.95
N GLU A 149 -28.20 -18.04 23.76
CA GLU A 149 -28.89 -18.18 22.48
C GLU A 149 -28.06 -17.65 21.32
N ALA A 150 -27.93 -16.33 21.22
CA ALA A 150 -27.20 -15.74 20.10
C ALA A 150 -25.71 -16.00 20.20
N THR A 151 -25.18 -16.05 21.43
CA THR A 151 -23.75 -16.26 21.63
C THR A 151 -23.28 -17.56 20.98
N PHE A 152 -24.05 -18.64 21.17
CA PHE A 152 -23.72 -19.91 20.53
C PHE A 152 -24.33 -20.04 19.13
N ALA A 153 -25.32 -19.22 18.79
CA ALA A 153 -25.84 -19.21 17.43
C ALA A 153 -24.89 -18.58 16.43
N LEU A 154 -24.02 -17.67 16.89
CA LEU A 154 -23.02 -17.06 16.02
C LEU A 154 -21.71 -17.83 16.01
N HIS A 155 -21.65 -18.97 16.71
CA HIS A 155 -20.45 -19.81 16.73
C HIS A 155 -20.71 -21.27 16.39
N ALA A 156 -21.96 -21.73 16.36
CA ALA A 156 -22.23 -23.12 16.03
C ALA A 156 -21.75 -23.47 14.63
N ASN A 157 -21.77 -22.49 13.72
CA ASN A 157 -21.24 -22.71 12.38
C ASN A 157 -19.77 -23.12 12.43
N MET A 158 -18.97 -22.38 13.18
CA MET A 158 -17.55 -22.68 13.26
C MET A 158 -17.29 -23.93 14.09
N ILE A 159 -18.16 -24.20 15.07
CA ILE A 159 -18.06 -25.45 15.82
C ILE A 159 -18.24 -26.64 14.88
N LEU A 160 -19.25 -26.57 14.00
CA LEU A 160 -19.45 -27.63 13.01
C LEU A 160 -18.29 -27.70 12.03
N ALA A 161 -17.72 -26.55 11.66
CA ALA A 161 -16.57 -26.55 10.77
C ALA A 161 -15.39 -27.29 11.39
N LEU A 162 -15.10 -27.00 12.66
CA LEU A 162 -14.01 -27.69 13.34
C LEU A 162 -14.34 -29.17 13.55
N THR A 163 -15.60 -29.50 13.77
CA THR A 163 -15.99 -30.90 13.88
C THR A 163 -15.73 -31.65 12.58
N VAL A 164 -16.07 -31.03 11.45
CA VAL A 164 -15.79 -31.64 10.14
C VAL A 164 -14.29 -31.77 9.94
N ALA A 165 -13.53 -30.75 10.34
CA ALA A 165 -12.08 -30.81 10.21
C ALA A 165 -11.50 -31.97 11.01
N ILE A 166 -11.98 -32.18 12.24
CA ILE A 166 -11.53 -33.30 13.05
C ILE A 166 -11.92 -34.62 12.40
N ASN A 167 -13.16 -34.72 11.92
CA ASN A 167 -13.62 -35.93 11.24
C ASN A 167 -13.19 -35.94 9.78
N LEU A 202 -22.31 -28.29 22.71
CA LEU A 202 -21.59 -27.15 22.15
C LEU A 202 -20.08 -27.30 22.35
N THR A 203 -19.35 -26.19 22.31
CA THR A 203 -17.89 -26.21 22.24
C THR A 203 -17.22 -26.70 23.52
N THR A 204 -17.96 -27.31 24.45
CA THR A 204 -17.34 -27.90 25.62
C THR A 204 -16.42 -29.08 25.26
N LEU A 205 -16.56 -29.64 24.07
CA LEU A 205 -15.80 -30.80 23.64
C LEU A 205 -14.42 -30.45 23.08
N TYR A 206 -13.90 -29.26 23.37
CA TYR A 206 -12.59 -28.86 22.86
C TYR A 206 -11.44 -29.38 23.70
N VAL A 207 -11.71 -30.10 24.79
CA VAL A 207 -10.64 -30.61 25.63
C VAL A 207 -9.80 -31.63 24.88
N HIS A 208 -10.43 -32.45 24.04
CA HIS A 208 -9.70 -33.44 23.27
C HIS A 208 -8.82 -32.79 22.22
N HIS A 209 -9.35 -31.82 21.49
CA HIS A 209 -8.63 -31.07 20.46
C HIS A 209 -8.73 -29.60 20.83
N GLU A 210 -7.66 -29.05 21.41
CA GLU A 210 -7.67 -27.71 21.97
C GLU A 210 -6.76 -26.73 21.24
N VAL A 211 -5.52 -27.13 20.92
CA VAL A 211 -4.61 -26.23 20.22
C VAL A 211 -5.12 -25.93 18.82
N ARG A 212 -5.76 -26.92 18.17
CA ARG A 212 -6.34 -26.69 16.86
C ARG A 212 -7.48 -25.68 16.92
N VAL A 213 -8.32 -25.76 17.95
CA VAL A 213 -9.38 -24.77 18.15
C VAL A 213 -8.79 -23.39 18.39
N LEU A 214 -7.73 -23.33 19.21
CA LEU A 214 -7.05 -22.06 19.45
C LEU A 214 -6.55 -21.46 18.15
N ALA A 215 -5.91 -22.26 17.30
CA ALA A 215 -5.41 -21.77 16.03
C ALA A 215 -6.55 -21.34 15.11
N ALA A 216 -7.66 -22.07 15.13
CA ALA A 216 -8.81 -21.71 14.31
C ALA A 216 -9.35 -20.33 14.69
N TYR A 217 -9.49 -20.07 15.99
CA TYR A 217 -9.94 -18.75 16.41
C TYR A 217 -8.87 -17.67 16.29
N ARG A 218 -7.58 -18.03 16.28
CA ARG A 218 -6.55 -17.05 15.94
C ARG A 218 -6.69 -16.61 14.49
N ARG A 219 -6.87 -17.56 13.59
CA ARG A 219 -7.02 -17.23 12.18
C ARG A 219 -8.34 -16.52 11.89
N ALA A 220 -9.40 -16.88 12.60
CA ALA A 220 -10.70 -16.24 12.40
C ALA A 220 -10.67 -14.78 12.85
N TYR A 221 -10.18 -14.54 14.06
CA TYR A 221 -10.07 -13.18 14.61
C TYR A 221 -8.62 -12.74 14.50
N TYR A 222 -8.29 -12.10 13.38
CA TYR A 222 -6.95 -11.61 13.14
C TYR A 222 -6.79 -10.24 13.80
N GLY A 223 -5.92 -10.15 14.79
CA GLY A 223 -5.74 -8.92 15.53
C GLY A 223 -6.43 -8.96 16.88
N SER A 224 -6.92 -10.14 17.26
CA SER A 224 -7.57 -10.32 18.55
C SER A 224 -6.58 -10.09 19.69
N ALA A 225 -5.37 -10.63 19.55
CA ALA A 225 -4.33 -10.46 20.55
C ALA A 225 -3.37 -9.37 20.11
N GLN A 226 -3.48 -8.20 20.73
CA GLN A 226 -2.61 -7.07 20.42
C GLN A 226 -2.15 -6.42 21.72
N SER A 227 -0.99 -5.77 21.65
CA SER A 227 -0.43 -5.06 22.78
C SER A 227 -1.00 -3.64 22.87
N PRO A 228 -1.02 -3.05 24.08
CA PRO A 228 -1.44 -1.64 24.18
C PRO A 228 -0.54 -0.70 23.41
N PHE A 229 0.74 -1.02 23.28
CA PHE A 229 1.64 -0.22 22.46
C PHE A 229 1.15 -0.16 21.01
N TRP A 230 0.61 -1.28 20.52
CA TRP A 230 -0.01 -1.29 19.20
C TRP A 230 -1.12 -0.25 19.09
N PHE A 231 -2.03 -0.24 20.07
CA PHE A 231 -3.14 0.71 20.04
C PHE A 231 -2.63 2.14 20.09
N LEU A 232 -1.66 2.42 20.97
CA LEU A 232 -1.13 3.77 21.10
C LEU A 232 -0.46 4.22 19.82
N SER A 233 0.31 3.34 19.18
CA SER A 233 0.99 3.71 17.95
C SER A 233 0.02 3.90 16.79
N LYS A 234 -0.99 3.04 16.68
CA LYS A 234 -1.89 3.08 15.53
C LYS A 234 -2.88 4.23 15.62
N PHE A 235 -3.50 4.44 16.78
CA PHE A 235 -4.62 5.35 16.87
C PHE A 235 -4.22 6.71 17.42
N GLY A 236 -2.93 7.04 17.32
CA GLY A 236 -2.45 8.34 17.72
C GLY A 236 -2.04 8.39 19.18
N PRO A 237 -1.15 9.33 19.53
CA PRO A 237 -0.77 9.49 20.94
C PRO A 237 -1.71 10.39 21.72
N ASP A 238 -2.55 11.18 21.05
CA ASP A 238 -3.41 12.12 21.75
C ASP A 238 -4.64 11.43 22.30
N GLU A 239 -5.22 12.01 23.35
CA GLU A 239 -6.45 11.55 23.97
C GLU A 239 -7.61 11.51 22.98
N LYS A 240 -7.95 12.69 22.44
CA LYS A 240 -9.06 12.81 21.49
C LYS A 240 -8.89 11.87 20.32
N SER A 241 -7.71 11.90 19.70
CA SER A 241 -7.45 11.02 18.56
C SER A 241 -7.68 9.56 18.94
N LEU A 242 -7.05 9.11 20.03
CA LEU A 242 -7.22 7.75 20.49
C LEU A 242 -8.69 7.38 20.61
N VAL A 243 -9.42 8.05 21.51
CA VAL A 243 -10.77 7.58 21.83
C VAL A 243 -11.67 7.69 20.60
N LEU A 244 -11.72 8.86 19.96
CA LEU A 244 -12.68 9.05 18.89
C LEU A 244 -12.33 8.23 17.65
N THR A 245 -11.07 8.28 17.20
CA THR A 245 -10.68 7.50 16.05
C THR A 245 -10.90 6.00 16.30
N THR A 246 -10.48 5.49 17.45
CA THR A 246 -10.65 4.07 17.73
C THR A 246 -12.11 3.69 17.68
N ARG A 247 -12.95 4.35 18.49
CA ARG A 247 -14.36 3.96 18.56
C ARG A 247 -15.02 4.08 17.18
N TYR A 248 -14.89 5.24 16.54
CA TYR A 248 -15.57 5.46 15.27
C TYR A 248 -15.09 4.46 14.22
N TYR A 249 -13.79 4.50 13.90
CA TYR A 249 -13.22 3.66 12.86
C TYR A 249 -13.55 2.18 13.08
N LEU A 250 -13.38 1.68 14.30
CA LEU A 250 -13.56 0.25 14.52
C LEU A 250 -15.02 -0.19 14.59
N LEU A 251 -15.93 0.64 15.11
CA LEU A 251 -17.31 0.18 15.32
C LEU A 251 -18.31 0.95 14.48
N GLN A 252 -18.31 2.29 14.54
CA GLN A 252 -19.40 3.05 13.94
C GLN A 252 -19.28 3.15 12.43
N ALA A 253 -18.09 2.95 11.86
CA ALA A 253 -17.95 2.90 10.41
C ALA A 253 -18.75 1.75 9.84
N GLN A 254 -18.69 0.57 10.48
CA GLN A 254 -19.50 -0.56 10.06
C GLN A 254 -20.94 -0.41 10.51
N ARG A 255 -21.16 0.13 11.71
CA ARG A 255 -22.51 0.18 12.26
C ARG A 255 -23.40 1.13 11.45
N LEU A 256 -22.88 2.30 11.09
CA LEU A 256 -23.65 3.30 10.36
C LEU A 256 -23.70 2.99 8.87
N THR A 260 -20.38 4.60 3.31
CA THR A 260 -20.47 5.98 3.78
C THR A 260 -19.10 6.55 4.07
N ALA A 261 -18.51 6.13 5.19
CA ALA A 261 -17.20 6.61 5.62
C ALA A 261 -16.17 5.49 5.71
N THR A 262 -16.20 4.55 4.76
CA THR A 262 -15.23 3.46 4.72
C THR A 262 -13.93 4.00 4.16
N TYR A 263 -13.17 4.69 5.02
CA TYR A 263 -11.94 5.36 4.61
C TYR A 263 -10.79 4.68 5.34
N ASP A 264 -9.57 5.20 5.20
CA ASP A 264 -8.39 4.62 5.84
C ASP A 264 -8.26 5.21 7.24
N LEU A 265 -7.44 4.56 8.06
CA LEU A 265 -7.20 5.05 9.41
C LEU A 265 -6.59 6.44 9.40
N GLN A 266 -5.74 6.73 8.41
CA GLN A 266 -5.12 8.04 8.31
C GLN A 266 -6.17 9.12 8.09
N ALA A 267 -7.19 8.83 7.27
CA ALA A 267 -8.27 9.80 7.04
C ALA A 267 -9.02 10.10 8.32
N ILE A 268 -9.34 9.06 9.10
CA ILE A 268 -10.04 9.26 10.36
C ILE A 268 -9.19 10.03 11.35
N LYS A 269 -7.89 9.72 11.43
CA LYS A 269 -6.99 10.45 12.31
C LYS A 269 -6.84 11.93 11.93
N ASP A 270 -6.75 12.22 10.64
CA ASP A 270 -6.71 13.61 10.18
C ASP A 270 -8.01 14.36 10.41
N ILE A 271 -9.15 13.68 10.25
CA ILE A 271 -10.43 14.31 10.53
C ILE A 271 -10.56 14.62 12.02
N CYS A 272 -10.15 13.68 12.87
CA CYS A 272 -10.19 13.92 14.32
C CYS A 272 -9.18 15.00 14.72
N ALA A 273 -8.10 15.14 13.96
CA ALA A 273 -7.10 16.16 14.27
C ALA A 273 -7.68 17.56 14.15
N THR A 274 -8.49 17.79 13.12
CA THR A 274 -9.12 19.10 12.90
C THR A 274 -10.44 19.24 13.63
N TYR A 275 -10.84 18.25 14.42
CA TYR A 275 -12.03 18.31 15.26
C TYR A 275 -11.69 19.07 16.55
N ALA A 276 -11.47 20.37 16.39
CA ALA A 276 -10.97 21.23 17.48
C ALA A 276 -12.13 21.66 18.38
N ILE A 277 -12.62 20.71 19.18
CA ILE A 277 -13.59 20.99 20.21
C ILE A 277 -12.85 21.51 21.44
N PRO A 278 -13.51 22.22 22.36
CA PRO A 278 -12.81 22.79 23.51
C PRO A 278 -12.16 21.71 24.37
N HIS A 279 -10.84 21.79 24.50
CA HIS A 279 -10.08 20.86 25.32
C HIS A 279 -9.96 21.39 26.74
N ALA A 280 -10.06 20.46 27.70
CA ALA A 280 -9.96 20.80 29.11
C ALA A 280 -8.98 19.81 29.75
N PRO A 281 -8.01 20.29 30.52
CA PRO A 281 -7.04 19.38 31.15
C PRO A 281 -7.74 18.42 32.12
N ARG A 282 -7.22 17.19 32.17
CA ARG A 282 -7.70 16.19 33.12
C ARG A 282 -7.36 16.64 34.54
N PRO A 283 -8.21 16.35 35.52
CA PRO A 283 -7.90 16.74 36.91
C PRO A 283 -6.56 16.25 37.41
N ASP A 284 -6.15 15.03 37.03
CA ASP A 284 -4.82 14.52 37.33
C ASP A 284 -4.04 14.36 36.02
N THR A 285 -2.72 14.22 36.14
CA THR A 285 -1.82 14.14 34.99
C THR A 285 -1.21 12.73 34.95
N VAL A 286 -1.78 11.89 34.09
CA VAL A 286 -1.29 10.54 33.86
C VAL A 286 -1.27 10.27 32.37
N SER A 287 -0.51 9.26 31.97
CA SER A 287 -0.40 8.88 30.57
C SER A 287 -0.24 7.37 30.48
N ALA A 288 -0.63 6.81 29.34
CA ALA A 288 -0.54 5.37 29.12
C ALA A 288 0.91 4.95 28.86
N THR A 292 1.69 0.82 30.68
CA THR A 292 2.59 -0.20 30.18
C THR A 292 1.81 -1.33 29.50
N SER A 293 1.30 -2.26 30.30
CA SER A 293 0.44 -3.32 29.79
C SER A 293 -1.02 -2.97 30.03
N PHE A 294 -1.91 -3.82 29.52
CA PHE A 294 -3.32 -3.54 29.68
C PHE A 294 -3.71 -3.59 31.16
N ALA A 295 -3.43 -2.50 31.86
CA ALA A 295 -3.85 -2.28 33.23
C ALA A 295 -4.39 -0.86 33.34
N ALA A 296 -3.96 0.03 32.42
CA ALA A 296 -4.25 1.46 32.52
C ALA A 296 -5.06 2.06 31.37
N ILE A 297 -5.03 1.48 30.16
CA ILE A 297 -5.59 2.18 29.00
C ILE A 297 -7.11 2.29 29.10
N THR A 298 -7.77 1.31 29.73
CA THR A 298 -9.22 1.38 29.95
C THR A 298 -9.60 2.59 30.79
N ARG A 299 -8.88 2.81 31.90
CA ARG A 299 -9.14 3.99 32.73
C ARG A 299 -8.73 5.26 32.00
N PHE A 300 -7.68 5.17 31.18
CA PHE A 300 -7.23 6.33 30.42
C PHE A 300 -8.29 6.80 29.43
N CYS A 301 -8.99 5.86 28.78
CA CYS A 301 -9.91 6.21 27.70
C CYS A 301 -11.35 6.41 28.19
N CYS A 302 -11.84 5.51 29.05
CA CYS A 302 -13.25 5.52 29.40
C CYS A 302 -13.67 6.78 30.15
N THR A 303 -12.85 7.26 31.09
CA THR A 303 -13.21 8.42 31.90
C THR A 303 -12.92 9.73 31.20
N SER A 304 -12.34 9.70 30.02
CA SER A 304 -12.04 10.93 29.29
C SER A 304 -13.32 11.65 28.88
N GLN A 305 -13.23 12.97 28.85
CA GLN A 305 -14.37 13.81 28.50
C GLN A 305 -14.77 13.70 27.04
N TYR A 306 -13.91 13.14 26.19
CA TYR A 306 -14.19 12.99 24.77
C TYR A 306 -15.08 11.80 24.44
N ALA A 307 -15.02 10.74 25.25
CA ALA A 307 -15.79 9.53 24.99
C ALA A 307 -17.26 9.65 25.40
N ARG A 308 -17.67 10.76 25.99
CA ARG A 308 -19.02 10.92 26.50
C ARG A 308 -19.55 12.29 26.11
N GLY A 309 -20.87 12.41 26.09
CA GLY A 309 -21.55 13.68 25.90
C GLY A 309 -21.48 14.18 24.46
N ALA A 310 -21.33 15.50 24.34
CA ALA A 310 -21.46 16.15 23.04
C ALA A 310 -20.39 15.69 22.06
N ALA A 311 -19.17 15.45 22.54
CA ALA A 311 -18.09 15.02 21.64
C ALA A 311 -18.44 13.69 20.98
N ALA A 312 -18.83 12.70 21.78
CA ALA A 312 -19.21 11.41 21.23
C ALA A 312 -20.48 11.51 20.39
N ALA A 313 -21.41 12.37 20.78
CA ALA A 313 -22.66 12.49 20.02
C ALA A 313 -22.42 13.12 18.65
N GLY A 314 -21.45 14.04 18.54
CA GLY A 314 -21.27 14.80 17.32
C GLY A 314 -20.08 14.41 16.47
N PHE A 315 -19.21 13.51 16.96
CA PHE A 315 -18.07 13.11 16.16
C PHE A 315 -18.46 12.44 14.84
N PRO A 316 -19.36 11.43 14.81
CA PRO A 316 -19.75 10.88 13.50
C PRO A 316 -20.37 11.91 12.58
N LEU A 317 -21.17 12.83 13.13
CA LEU A 317 -21.77 13.87 12.30
C LEU A 317 -20.70 14.79 11.71
N TYR A 318 -19.70 15.18 12.50
CA TYR A 318 -18.62 15.99 11.95
C TYR A 318 -17.81 15.24 10.91
N VAL A 319 -17.56 13.94 11.13
CA VAL A 319 -16.84 13.15 10.14
C VAL A 319 -17.61 13.12 8.82
N GLU A 320 -18.93 12.89 8.89
CA GLU A 320 -19.74 12.86 7.68
C GLU A 320 -19.74 14.22 6.99
N ARG A 321 -19.88 15.30 7.76
CA ARG A 321 -19.91 16.64 7.16
C ARG A 321 -18.60 16.98 6.49
N ARG A 322 -17.48 16.69 7.16
CA ARG A 322 -16.16 16.97 6.59
C ARG A 322 -15.93 16.14 5.34
N ILE A 323 -16.31 14.86 5.38
CA ILE A 323 -16.15 14.00 4.21
C ILE A 323 -16.96 14.54 3.04
N ALA A 324 -18.21 14.94 3.30
CA ALA A 324 -19.06 15.47 2.23
C ALA A 324 -18.46 16.75 1.65
N ALA A 325 -17.97 17.64 2.51
CA ALA A 325 -17.40 18.89 2.04
C ALA A 325 -16.16 18.66 1.18
N ASP A 326 -15.22 17.83 1.67
CA ASP A 326 -14.01 17.55 0.91
C ASP A 326 -14.35 16.86 -0.40
N VAL A 327 -15.31 15.93 -0.38
CA VAL A 327 -15.68 15.23 -1.60
C VAL A 327 -16.29 16.19 -2.62
N ARG A 328 -17.16 17.09 -2.17
CA ARG A 328 -17.80 18.00 -3.12
C ARG A 328 -16.78 18.97 -3.71
N GLU A 329 -15.88 19.51 -2.88
CA GLU A 329 -14.85 20.40 -3.42
C GLU A 329 -13.91 19.65 -4.37
N THR A 330 -13.50 18.43 -4.01
CA THR A 330 -12.60 17.67 -4.86
C THR A 330 -13.27 17.32 -6.19
N SER A 331 -14.55 16.96 -6.16
CA SER A 331 -15.26 16.67 -7.40
C SER A 331 -15.41 17.91 -8.26
N ALA A 332 -15.72 19.05 -7.64
CA ALA A 332 -15.85 20.29 -8.40
C ALA A 332 -14.53 20.66 -9.07
N LEU A 333 -13.43 20.51 -8.34
CA LEU A 333 -12.12 20.76 -8.94
C LEU A 333 -11.79 19.76 -10.04
N GLU A 334 -12.10 18.48 -9.81
CA GLU A 334 -11.73 17.42 -10.74
C GLU A 334 -12.50 17.51 -12.05
N LYS A 335 -13.77 17.96 -12.01
CA LYS A 335 -14.51 18.14 -13.24
C LYS A 335 -13.79 19.10 -14.18
N PHE A 336 -13.43 20.29 -13.68
CA PHE A 336 -12.69 21.25 -14.48
C PHE A 336 -11.32 20.70 -14.88
N ILE A 337 -10.64 20.02 -13.95
CA ILE A 337 -9.31 19.49 -14.23
C ILE A 337 -9.35 18.54 -15.41
N THR A 338 -10.32 17.62 -15.41
CA THR A 338 -10.42 16.65 -16.49
C THR A 338 -10.92 17.30 -17.79
N HIS A 339 -11.90 18.20 -17.69
CA HIS A 339 -12.48 18.82 -18.87
C HIS A 339 -11.47 19.67 -19.62
N ASP A 340 -10.67 20.46 -18.88
CA ASP A 340 -9.68 21.32 -19.52
C ASP A 340 -8.36 20.58 -19.69
N ARG A 341 -8.41 19.25 -19.64
CA ARG A 341 -7.24 18.41 -19.86
C ARG A 341 -7.47 17.51 -21.07
N SER A 342 -8.70 17.04 -21.23
CA SER A 342 -9.03 16.17 -22.35
C SER A 342 -9.37 16.94 -23.62
N CYS A 343 -9.36 18.27 -23.58
CA CYS A 343 -9.71 19.10 -24.73
C CYS A 343 -8.55 19.96 -25.22
N LEU A 344 -7.39 19.91 -24.58
CA LEU A 344 -6.26 20.74 -24.99
C LEU A 344 -5.57 20.10 -26.20
N ARG A 345 -5.53 20.83 -27.31
CA ARG A 345 -4.75 20.42 -28.48
C ARG A 345 -3.44 21.20 -28.45
N VAL A 346 -2.56 20.79 -27.54
CA VAL A 346 -1.30 21.48 -27.28
C VAL A 346 -0.18 20.45 -27.23
N SER A 347 1.05 20.96 -27.09
CA SER A 347 2.21 20.09 -27.01
C SER A 347 2.25 19.35 -25.67
N ASP A 348 3.07 18.31 -25.62
CA ASP A 348 3.18 17.49 -24.42
C ASP A 348 3.77 18.29 -23.27
N ARG A 349 4.76 19.15 -23.56
CA ARG A 349 5.35 19.99 -22.52
C ARG A 349 4.31 20.90 -21.89
N GLU A 350 3.52 21.59 -22.72
CA GLU A 350 2.44 22.43 -22.21
C GLU A 350 1.37 21.63 -21.48
N PHE A 351 1.09 20.40 -21.92
CA PHE A 351 0.16 19.52 -21.23
C PHE A 351 0.64 19.19 -19.82
N ILE A 352 1.90 18.78 -19.68
CA ILE A 352 2.47 18.49 -18.37
C ILE A 352 2.48 19.73 -17.50
N THR A 353 2.80 20.89 -18.09
CA THR A 353 2.77 22.15 -17.35
C THR A 353 1.37 22.43 -16.84
N TYR A 354 0.35 22.20 -17.68
CA TYR A 354 -1.03 22.39 -17.26
C TYR A 354 -1.40 21.47 -16.10
N ILE A 355 -1.00 20.20 -16.17
CA ILE A 355 -1.35 19.25 -15.11
C ILE A 355 -0.72 19.68 -13.79
N TYR A 356 0.58 19.99 -13.83
CA TYR A 356 1.28 20.36 -12.60
C TYR A 356 0.93 21.76 -12.14
N LEU A 357 0.30 22.57 -12.99
CA LEU A 357 -0.19 23.88 -12.55
C LEU A 357 -1.56 23.75 -11.90
N ALA A 358 -2.44 22.93 -12.48
CA ALA A 358 -3.75 22.70 -11.90
C ALA A 358 -3.66 21.99 -10.55
N HIS A 359 -2.77 21.00 -10.42
CA HIS A 359 -2.64 20.33 -9.12
C HIS A 359 -2.12 21.28 -8.05
N PHE A 360 -1.21 22.18 -8.41
CA PHE A 360 -0.80 23.20 -7.45
C PHE A 360 -1.93 24.18 -7.12
N GLU A 361 -2.69 24.63 -8.12
CA GLU A 361 -3.79 25.55 -7.89
C GLU A 361 -4.91 24.95 -7.08
N CYS A 362 -5.07 23.63 -7.09
CA CYS A 362 -6.09 22.97 -6.28
C CYS A 362 -5.58 22.41 -4.95
N PHE A 363 -4.27 22.20 -4.79
CA PHE A 363 -3.76 21.60 -3.57
C PHE A 363 -2.53 22.32 -3.02
N SER A 364 -2.44 23.64 -3.16
CA SER A 364 -1.34 24.37 -2.57
C SER A 364 -1.42 24.30 -1.04
N PRO A 365 -0.29 24.22 -0.35
CA PRO A 365 -0.31 24.15 1.12
C PRO A 365 -1.04 25.31 1.75
N PRO A 366 -0.88 26.55 1.26
CA PRO A 366 -1.71 27.64 1.80
C PRO A 366 -3.19 27.44 1.53
N ARG A 367 -3.56 27.02 0.33
CA ARG A 367 -4.96 26.77 0.02
C ARG A 367 -5.51 25.58 0.80
N LEU A 368 -4.70 24.53 0.98
CA LEU A 368 -5.15 23.40 1.81
C LEU A 368 -5.34 23.82 3.25
N ALA A 369 -4.44 24.65 3.79
CA ALA A 369 -4.60 25.15 5.15
C ALA A 369 -5.85 26.02 5.27
N THR A 370 -6.12 26.86 4.27
CA THR A 370 -7.33 27.68 4.28
C THR A 370 -8.58 26.80 4.26
N HIS A 371 -8.57 25.76 3.43
CA HIS A 371 -9.71 24.84 3.38
C HIS A 371 -9.91 24.14 4.72
N LEU A 372 -8.80 23.71 5.34
CA LEU A 372 -8.89 23.04 6.63
C LEU A 372 -9.44 23.97 7.71
N ARG A 373 -8.98 25.21 7.73
CA ARG A 373 -9.52 26.18 8.69
C ARG A 373 -10.95 26.58 8.37
N ALA A 374 -11.38 26.43 7.11
CA ALA A 374 -12.77 26.70 6.77
C ALA A 374 -13.69 25.57 7.22
N VAL A 375 -13.22 24.33 7.11
CA VAL A 375 -14.06 23.17 7.41
C VAL A 375 -13.99 22.74 8.87
N THR A 376 -13.08 23.29 9.67
CA THR A 376 -12.97 22.89 11.06
C THR A 376 -14.11 23.50 11.88
N THR A 377 -14.50 22.80 12.94
CA THR A 377 -15.54 23.26 13.84
C THR A 377 -14.99 23.44 15.25
N HIS A 378 -15.64 24.32 16.01
CA HIS A 378 -15.26 24.60 17.39
C HIS A 378 -16.22 24.03 18.41
N ASP A 379 -17.44 23.67 18.01
CA ASP A 379 -18.41 23.13 18.95
C ASP A 379 -18.98 21.82 18.41
N PRO A 380 -19.12 20.80 19.27
CA PRO A 380 -19.65 19.52 18.78
C PRO A 380 -21.07 19.61 18.23
N ASN A 381 -21.88 20.52 18.75
CA ASN A 381 -23.27 20.62 18.31
C ASN A 381 -23.33 21.11 16.86
N PRO A 382 -23.99 20.38 15.96
CA PRO A 382 -24.13 20.87 14.59
C PRO A 382 -24.92 22.17 14.47
N ALA A 383 -25.73 22.51 15.49
CA ALA A 383 -26.51 23.73 15.42
C ALA A 383 -25.62 24.96 15.39
N ALA A 384 -24.54 24.96 16.17
CA ALA A 384 -23.60 26.07 16.15
C ALA A 384 -22.97 26.23 14.77
N SER A 385 -22.42 25.14 14.23
CA SER A 385 -21.86 25.10 12.89
C SER A 385 -20.87 26.22 12.64
N THR A 386 -19.76 26.24 13.41
CA THR A 386 -18.75 27.27 13.21
C THR A 386 -17.98 27.07 11.90
N GLU A 387 -18.16 25.92 11.25
CA GLU A 387 -17.51 25.67 9.96
C GLU A 387 -17.98 26.68 8.91
N GLN A 388 -17.03 27.21 8.16
CA GLN A 388 -17.29 28.15 7.09
C GLN A 388 -17.25 27.45 5.74
N PRO A 389 -17.94 27.99 4.74
CA PRO A 389 -17.92 27.37 3.41
C PRO A 389 -16.50 27.31 2.85
N SER A 390 -16.21 26.23 2.13
CA SER A 390 -14.87 26.03 1.60
C SER A 390 -14.63 26.99 0.43
N PRO A 391 -13.56 27.80 0.50
CA PRO A 391 -13.23 28.71 -0.60
C PRO A 391 -12.23 28.17 -1.61
N LEU A 392 -11.88 26.89 -1.53
CA LEU A 392 -10.87 26.33 -2.43
C LEU A 392 -11.31 26.42 -3.88
N GLY A 393 -12.55 26.02 -4.16
CA GLY A 393 -13.03 26.06 -5.54
C GLY A 393 -13.14 27.48 -6.07
N ARG A 394 -13.69 28.38 -5.25
CA ARG A 394 -13.84 29.77 -5.69
C ARG A 394 -12.48 30.42 -5.92
N GLU A 395 -11.51 30.09 -5.07
CA GLU A 395 -10.15 30.60 -5.28
C GLU A 395 -9.52 30.01 -6.53
N ALA A 396 -9.87 28.76 -6.87
CA ALA A 396 -9.36 28.17 -8.09
C ALA A 396 -10.01 28.76 -9.33
N VAL A 397 -11.21 29.33 -9.19
CA VAL A 397 -11.92 29.90 -10.33
C VAL A 397 -11.09 30.97 -11.03
N GLU A 398 -10.42 31.84 -10.27
CA GLU A 398 -9.70 32.95 -10.90
C GLU A 398 -8.54 32.45 -11.75
N GLN A 399 -8.13 31.20 -11.57
CA GLN A 399 -7.08 30.62 -12.40
C GLN A 399 -7.62 29.71 -13.50
N PHE A 400 -8.65 28.92 -13.22
CA PHE A 400 -9.24 28.07 -14.24
C PHE A 400 -10.17 28.86 -15.15
N PHE A 401 -9.63 29.83 -15.88
CA PHE A 401 -10.37 30.62 -16.86
C PHE A 401 -9.94 30.29 -18.28
N CYS A 402 -9.34 29.11 -18.47
CA CYS A 402 -8.80 28.73 -19.77
C CYS A 402 -9.93 28.41 -20.73
N HIS A 403 -10.66 29.43 -21.17
CA HIS A 403 -11.71 29.23 -22.16
C HIS A 403 -11.11 28.96 -23.54
N VAL A 404 -9.89 29.44 -23.77
CA VAL A 404 -9.23 29.26 -25.06
C VAL A 404 -8.80 27.81 -25.24
N VAL A 892 6.10 32.91 -24.58
CA VAL A 892 5.77 32.55 -23.17
C VAL A 892 4.28 32.19 -23.09
N SER A 893 3.97 30.90 -22.93
CA SER A 893 2.56 30.44 -22.89
C SER A 893 1.88 30.91 -21.61
N PHE A 894 0.54 30.98 -21.62
CA PHE A 894 -0.18 31.36 -20.39
C PHE A 894 0.16 30.37 -19.30
N PHE A 895 0.68 29.18 -19.66
CA PHE A 895 0.89 28.24 -18.63
C PHE A 895 2.28 28.44 -18.20
N GLU A 896 3.08 29.04 -19.02
CA GLU A 896 4.39 29.23 -18.47
C GLU A 896 4.42 30.43 -17.58
N ARG A 897 3.80 31.48 -17.96
CA ARG A 897 3.98 32.67 -17.20
C ARG A 897 3.14 32.61 -15.96
N LYS A 898 2.42 31.55 -15.78
CA LYS A 898 1.90 31.29 -14.47
C LYS A 898 2.79 30.37 -13.77
N ALA A 899 3.11 29.09 -14.15
CA ALA A 899 3.94 28.12 -13.53
C ALA A 899 5.09 28.78 -12.85
N SER A 900 6.01 29.81 -13.89
CA SER A 900 7.18 30.43 -13.29
C SER A 900 6.79 31.32 -12.15
N ARG A 901 5.78 32.12 -12.35
CA ARG A 901 5.37 32.95 -11.28
C ARG A 901 5.04 32.11 -10.11
N ASN A 902 4.23 31.07 -10.32
CA ASN A 902 3.88 30.14 -9.21
C ASN A 902 5.12 29.65 -8.52
N ALA A 903 6.11 29.19 -9.26
CA ALA A 903 7.24 28.59 -8.63
C ALA A 903 8.03 29.59 -7.84
N LEU A 904 8.09 30.83 -8.27
CA LEU A 904 8.84 31.80 -7.54
C LEU A 904 8.32 32.02 -6.15
N GLU A 905 7.04 32.18 -6.00
CA GLU A 905 6.53 32.29 -4.66
C GLU A 905 6.67 31.00 -3.87
N HIS A 906 7.01 29.92 -4.50
CA HIS A 906 7.28 28.88 -3.58
C HIS A 906 8.63 28.26 -3.72
N PHE A 907 9.56 28.90 -4.42
CA PHE A 907 10.95 28.39 -4.47
C PHE A 907 11.89 29.59 -4.57
N GLY A 908 13.12 29.42 -5.07
CA GLY A 908 14.04 30.56 -5.26
C GLY A 908 14.18 30.88 -6.76
N THR A 912 20.65 35.00 -9.78
CA THR A 912 20.85 34.83 -11.25
C THR A 912 22.32 35.02 -11.64
N LEU A 913 22.69 34.51 -12.81
CA LEU A 913 24.10 34.53 -13.24
C LEU A 913 24.58 35.96 -13.13
N THR A 914 23.71 36.89 -13.44
CA THR A 914 24.25 38.25 -13.46
C THR A 914 24.63 38.74 -12.06
N GLU A 915 23.76 38.50 -11.08
CA GLU A 915 24.03 38.99 -9.73
C GLU A 915 25.20 38.26 -9.09
N VAL A 916 25.30 36.95 -9.31
CA VAL A 916 26.43 36.23 -8.72
C VAL A 916 27.74 36.64 -9.38
N LEU A 917 27.72 36.90 -10.70
CA LEU A 917 28.92 37.40 -11.36
C LEU A 917 29.30 38.79 -10.84
N GLY A 918 28.30 39.62 -10.56
CA GLY A 918 28.57 40.90 -9.93
C GLY A 918 29.17 40.74 -8.54
N ARG A 919 28.70 39.74 -7.78
CA ARG A 919 29.30 39.43 -6.49
C ARG A 919 30.77 39.03 -6.64
N TYR A 920 31.08 38.22 -7.64
CA TYR A 920 32.46 37.85 -7.94
C TYR A 920 33.14 38.84 -8.88
N ASN A 921 32.44 39.91 -9.26
CA ASN A 921 33.00 40.96 -10.11
C ASN A 921 33.53 40.42 -11.43
N PRO A 924 34.69 35.70 -13.31
CA PRO A 924 35.85 34.87 -13.65
C PRO A 924 36.23 34.95 -15.13
N ASP A 925 35.49 35.77 -15.89
CA ASP A 925 35.73 35.91 -17.32
C ASP A 925 37.11 36.48 -17.61
N ALA A 926 37.49 37.54 -16.90
CA ALA A 926 38.78 38.18 -17.07
C ALA A 926 39.63 38.16 -15.81
N GLY A 927 39.10 37.66 -14.70
CA GLY A 927 39.85 37.64 -13.46
C GLY A 927 40.86 36.52 -13.40
N GLY A 928 41.59 36.48 -12.28
CA GLY A 928 42.58 35.45 -12.08
C GLY A 928 41.99 34.07 -11.80
N THR A 929 40.70 34.01 -11.51
CA THR A 929 40.05 32.75 -11.16
C THR A 929 39.73 31.89 -12.38
N VAL A 930 39.93 32.39 -13.61
CA VAL A 930 39.69 31.57 -14.78
C VAL A 930 40.63 30.37 -14.80
N GLU A 931 41.87 30.59 -14.34
CA GLU A 931 42.86 29.53 -14.23
C GLU A 931 42.94 28.94 -12.82
N GLY A 932 42.10 29.41 -11.90
CA GLY A 932 42.12 28.91 -10.54
C GLY A 932 41.47 27.56 -10.39
N PHE A 933 40.77 27.10 -11.43
CA PHE A 933 40.16 25.78 -11.42
C PHE A 933 40.37 25.06 -12.75
N ALA A 934 40.96 25.75 -13.74
CA ALA A 934 41.16 25.13 -15.05
C ALA A 934 42.42 24.28 -15.08
N SER A 935 43.59 24.90 -14.94
CA SER A 935 44.85 24.16 -15.00
C SER A 935 44.97 23.22 -13.81
N GLU A 936 44.24 23.51 -12.73
CA GLU A 936 44.19 22.64 -11.57
C GLU A 936 43.30 21.44 -11.86
N LEU A 937 43.78 20.51 -12.69
CA LEU A 937 42.98 19.34 -13.05
C LEU A 937 42.72 18.43 -11.86
N LEU A 938 43.56 18.50 -10.82
CA LEU A 938 43.45 17.69 -9.61
C LEU A 938 43.59 16.19 -9.89
N GLY A 939 44.16 15.82 -11.05
CA GLY A 939 44.53 14.46 -11.33
C GLY A 939 43.42 13.58 -11.89
N ARG A 940 42.27 14.13 -12.26
CA ARG A 940 41.17 13.31 -12.77
C ARG A 940 41.42 12.78 -14.18
N ILE A 941 41.25 13.63 -15.19
CA ILE A 941 41.28 13.24 -16.60
C ILE A 941 42.02 14.34 -17.34
N VAL A 942 42.14 14.22 -18.68
CA VAL A 942 42.77 15.28 -19.45
C VAL A 942 41.96 15.56 -20.71
N ALA A 943 41.88 16.86 -21.05
CA ALA A 943 41.94 17.61 -22.30
C ALA A 943 42.08 19.01 -21.76
N CYS A 944 42.98 19.80 -22.34
CA CYS A 944 43.53 20.71 -21.36
C CYS A 944 43.66 22.11 -21.89
N ILE A 945 44.21 22.93 -21.00
CA ILE A 945 44.20 24.38 -20.86
C ILE A 945 43.86 25.12 -22.15
N PHE A 1004 38.92 18.74 -27.66
CA PHE A 1004 37.68 18.76 -26.87
C PHE A 1004 37.28 17.67 -25.81
N VAL A 1005 38.10 17.15 -24.88
CA VAL A 1005 37.44 16.44 -23.77
C VAL A 1005 37.17 17.50 -22.71
N ALA A 1006 36.03 18.19 -22.83
CA ALA A 1006 35.85 19.50 -22.21
C ALA A 1006 35.79 19.38 -20.69
N LEU A 1007 35.97 20.51 -20.02
CA LEU A 1007 36.11 20.53 -18.56
C LEU A 1007 34.92 21.20 -17.89
N CYS A 1016 31.86 20.54 -11.67
CA CYS A 1016 31.43 20.94 -13.01
C CYS A 1016 32.59 20.85 -13.99
N VAL A 1017 33.24 19.69 -14.03
CA VAL A 1017 34.37 19.47 -14.92
C VAL A 1017 34.14 18.16 -15.65
N SER A 1018 34.91 17.95 -16.71
CA SER A 1018 34.89 16.70 -17.46
C SER A 1018 33.56 16.52 -18.19
N LEU A 1019 33.18 17.48 -19.03
CA LEU A 1019 31.92 17.42 -19.75
C LEU A 1019 32.19 17.23 -21.24
N CYS A 1020 31.12 17.21 -22.02
CA CYS A 1020 31.21 17.16 -23.48
C CYS A 1020 30.56 18.40 -24.09
N ILE A 1039 28.47 15.03 -14.15
CA ILE A 1039 28.85 15.44 -12.81
C ILE A 1039 27.75 16.32 -12.20
N ASP A 1040 27.62 16.28 -10.88
CA ASP A 1040 26.64 17.08 -10.18
C ASP A 1040 27.06 17.32 -8.73
N THR B 1 -3.05 15.43 0.46
CA THR B 1 -4.44 15.03 0.65
C THR B 1 -4.88 14.07 -0.46
N SER B 2 -4.37 12.84 -0.41
CA SER B 2 -4.70 11.81 -1.39
C SER B 2 -5.72 10.81 -0.86
N MET B 3 -6.41 11.15 0.23
CA MET B 3 -7.38 10.26 0.85
C MET B 3 -8.75 10.31 0.20
N HIS B 4 -8.99 11.26 -0.70
CA HIS B 4 -10.28 11.38 -1.37
C HIS B 4 -10.23 11.03 -2.85
N GLY B 5 -9.04 10.97 -3.43
CA GLY B 5 -8.90 10.51 -4.80
C GLY B 5 -8.77 9.01 -4.84
N VAL B 6 -8.72 8.39 -3.66
CA VAL B 6 -8.58 6.95 -3.56
C VAL B 6 -9.94 6.25 -3.50
N GLN B 7 -11.01 6.99 -3.19
CA GLN B 7 -12.33 6.34 -3.13
C GLN B 7 -12.90 5.99 -4.50
N PRO B 8 -12.62 6.73 -5.59
CA PRO B 8 -12.96 6.17 -6.90
C PRO B 8 -12.22 4.88 -7.19
N ILE B 9 -10.97 4.79 -6.73
CA ILE B 9 -10.19 3.56 -6.90
C ILE B 9 -10.86 2.42 -6.15
N LEU B 10 -11.29 2.68 -4.91
CA LEU B 10 -11.96 1.66 -4.11
C LEU B 10 -13.26 1.22 -4.78
N LYS B 11 -14.05 2.18 -5.26
CA LYS B 11 -15.31 1.86 -5.92
C LYS B 11 -15.08 0.99 -7.15
N ARG B 12 -14.11 1.38 -7.99
CA ARG B 12 -13.88 0.64 -9.22
C ARG B 12 -13.36 -0.76 -8.94
N ILE B 13 -12.44 -0.91 -7.98
CA ILE B 13 -11.93 -2.25 -7.67
C ILE B 13 -13.01 -3.12 -7.06
N ARG B 14 -13.84 -2.57 -6.17
CA ARG B 14 -14.89 -3.37 -5.57
C ARG B 14 -15.93 -3.77 -6.61
N GLU B 15 -16.23 -2.88 -7.56
CA GLU B 15 -17.13 -3.25 -8.65
C GLU B 15 -16.54 -4.33 -9.54
N LEU B 16 -15.25 -4.22 -9.85
CA LEU B 16 -14.59 -5.19 -10.73
C LEU B 16 -14.36 -6.54 -10.06
N SER B 17 -14.31 -6.59 -8.72
CA SER B 17 -14.09 -7.83 -8.00
C SER B 17 -15.41 -8.47 -7.57
N GLN B 18 -16.54 -7.93 -8.01
CA GLN B 18 -17.84 -8.47 -7.63
C GLN B 18 -18.61 -9.09 -8.79
N GLN B 19 -18.33 -8.70 -10.04
CA GLN B 19 -19.05 -9.26 -11.18
C GLN B 19 -18.81 -10.75 -11.29
N GLN B 20 -19.85 -11.49 -11.66
CA GLN B 20 -19.79 -12.94 -11.75
C GLN B 20 -19.74 -13.37 -13.21
N LEU B 21 -18.84 -14.31 -13.52
CA LEU B 21 -18.72 -14.82 -14.87
C LEU B 21 -19.82 -15.83 -15.17
N ASP B 22 -19.79 -16.35 -16.40
CA ASP B 22 -20.73 -17.37 -16.85
C ASP B 22 -20.14 -18.76 -16.63
N GLY B 23 -21.01 -19.74 -16.52
CA GLY B 23 -20.55 -21.11 -16.28
C GLY B 23 -19.70 -21.65 -17.42
N ALA B 24 -20.06 -21.34 -18.66
CA ALA B 24 -19.30 -21.79 -19.80
C ALA B 24 -17.98 -21.04 -19.99
N GLN B 25 -17.77 -19.95 -19.25
CA GLN B 25 -16.57 -19.14 -19.41
C GLN B 25 -15.49 -19.46 -18.39
N VAL B 26 -15.86 -19.82 -17.16
CA VAL B 26 -14.85 -20.09 -16.13
C VAL B 26 -14.09 -21.36 -16.47
N PRO B 27 -12.81 -21.46 -16.11
CA PRO B 27 -12.07 -22.71 -16.36
C PRO B 27 -12.57 -23.84 -15.48
N HIS B 28 -12.34 -25.06 -15.95
CA HIS B 28 -12.79 -26.26 -15.27
C HIS B 28 -11.60 -27.19 -15.09
N LEU B 29 -11.68 -28.05 -14.06
CA LEU B 29 -10.55 -28.90 -13.69
C LEU B 29 -10.06 -29.77 -14.85
N GLN B 30 -10.96 -30.13 -15.77
CA GLN B 30 -10.56 -30.96 -16.90
C GLN B 30 -9.54 -30.25 -17.78
N TRP B 31 -9.57 -28.92 -17.83
CA TRP B 31 -8.57 -28.20 -18.60
C TRP B 31 -7.18 -28.35 -17.99
N PHE B 32 -7.06 -28.24 -16.67
CA PHE B 32 -5.78 -28.46 -16.01
C PHE B 32 -5.34 -29.91 -16.09
N ARG B 33 -6.30 -30.84 -16.07
CA ARG B 33 -5.99 -32.24 -16.32
C ARG B 33 -5.68 -32.46 -17.80
N ASP B 34 -4.81 -33.44 -18.06
CA ASP B 34 -4.35 -33.80 -19.40
C ASP B 34 -3.42 -32.73 -19.95
N VAL B 35 -3.30 -31.61 -19.22
CA VAL B 35 -2.27 -30.62 -19.50
C VAL B 35 -1.17 -30.72 -18.44
N ALA B 36 -1.56 -31.13 -17.23
CA ALA B 36 -0.55 -31.45 -16.21
C ALA B 36 0.34 -32.60 -16.66
N ALA B 37 -0.25 -33.63 -17.27
CA ALA B 37 0.50 -34.76 -17.80
C ALA B 37 0.98 -34.54 -19.23
N LEU B 38 0.58 -33.45 -19.86
CA LEU B 38 1.06 -33.15 -21.22
C LEU B 38 2.54 -32.82 -21.20
N GLU B 39 3.26 -33.28 -22.21
CA GLU B 39 4.72 -33.12 -22.27
C GLU B 39 5.09 -31.84 -23.01
N SER B 40 4.60 -31.67 -24.23
CA SER B 40 5.06 -30.54 -25.02
C SER B 40 4.01 -29.44 -25.08
N PRO B 41 4.44 -28.17 -25.13
CA PRO B 41 3.48 -27.06 -25.21
C PRO B 41 2.68 -27.06 -26.50
N ALA B 42 3.17 -27.77 -27.52
CA ALA B 42 2.48 -27.85 -28.79
C ALA B 42 1.09 -28.47 -28.66
N GLY B 43 0.88 -29.25 -27.60
CA GLY B 43 -0.40 -29.89 -27.38
C GLY B 43 -1.35 -29.09 -26.51
N LEU B 44 -1.04 -27.81 -26.30
CA LEU B 44 -1.88 -26.96 -25.46
C LEU B 44 -3.18 -26.63 -26.19
N PRO B 45 -4.34 -26.98 -25.63
CA PRO B 45 -5.62 -26.62 -26.25
C PRO B 45 -5.92 -25.14 -26.05
N LEU B 46 -6.57 -24.53 -27.02
CA LEU B 46 -6.99 -23.14 -26.90
C LEU B 46 -8.06 -23.00 -25.83
N ARG B 47 -7.69 -22.36 -24.72
CA ARG B 47 -8.60 -22.19 -23.59
C ARG B 47 -8.39 -20.82 -22.98
N GLU B 48 -9.47 -20.20 -22.54
CA GLU B 48 -9.44 -18.86 -21.99
C GLU B 48 -9.46 -18.90 -20.46
N PHE B 49 -8.54 -18.16 -19.85
CA PHE B 49 -8.50 -17.99 -18.41
C PHE B 49 -8.89 -16.56 -18.07
N PRO B 50 -10.18 -16.29 -17.80
CA PRO B 50 -10.62 -14.92 -17.57
C PRO B 50 -9.94 -14.31 -16.34
N PHE B 51 -9.70 -13.00 -16.44
CA PHE B 51 -9.03 -12.26 -15.38
C PHE B 51 -9.32 -10.78 -15.57
N ALA B 52 -9.19 -10.02 -14.49
CA ALA B 52 -9.36 -8.58 -14.49
C ALA B 52 -8.11 -7.93 -13.94
N VAL B 53 -7.80 -6.73 -14.44
CA VAL B 53 -6.57 -6.04 -14.08
C VAL B 53 -6.88 -4.61 -13.68
N TYR B 54 -6.32 -4.20 -12.54
CA TYR B 54 -6.29 -2.81 -12.13
C TYR B 54 -4.84 -2.40 -11.95
N LEU B 55 -4.50 -1.23 -12.47
CA LEU B 55 -3.11 -0.78 -12.56
C LEU B 55 -2.94 0.55 -11.82
N ILE B 56 -1.86 0.64 -11.05
CA ILE B 56 -1.43 1.89 -10.42
C ILE B 56 -0.04 2.22 -10.93
N THR B 57 0.05 3.34 -11.64
CA THR B 57 1.33 3.74 -12.25
C THR B 57 1.80 5.01 -11.55
N GLY B 58 3.06 5.36 -11.76
CA GLY B 58 3.57 6.60 -11.17
C GLY B 58 5.07 6.55 -11.03
N ASN B 59 5.63 7.48 -10.25
CA ASN B 59 7.09 7.50 -10.01
C ASN B 59 7.29 7.16 -8.53
N ALA B 60 8.47 6.63 -8.16
CA ALA B 60 8.77 6.33 -6.74
C ALA B 60 8.39 7.50 -5.81
N GLY B 61 7.71 7.22 -4.69
CA GLY B 61 7.35 8.26 -3.74
C GLY B 61 6.16 9.08 -4.17
N SER B 62 5.21 8.45 -4.87
CA SER B 62 4.04 9.12 -5.38
C SER B 62 2.77 8.86 -4.57
N GLY B 63 2.88 8.30 -3.37
CA GLY B 63 1.73 7.84 -2.63
C GLY B 63 1.24 6.47 -3.04
N LYS B 64 2.01 5.76 -3.87
CA LYS B 64 1.60 4.47 -4.40
C LYS B 64 1.56 3.38 -3.32
N SER B 65 2.10 3.63 -2.14
CA SER B 65 2.07 2.66 -1.05
C SER B 65 0.86 2.81 -0.15
N THR B 66 0.25 3.99 -0.09
CA THR B 66 -0.94 4.20 0.72
C THR B 66 -2.19 3.59 0.10
N CYS B 67 -2.26 3.53 -1.22
CA CYS B 67 -3.38 2.87 -1.88
C CYS B 67 -3.39 1.38 -1.53
N VAL B 68 -2.21 0.75 -1.48
CA VAL B 68 -2.14 -0.65 -1.08
C VAL B 68 -2.63 -0.83 0.34
N GLN B 69 -2.28 0.10 1.23
CA GLN B 69 -2.77 0.05 2.61
C GLN B 69 -4.29 0.14 2.65
N THR B 70 -4.86 1.07 1.87
CA THR B 70 -6.32 1.21 1.85
C THR B 70 -6.99 -0.06 1.32
N ILE B 71 -6.42 -0.63 0.25
CA ILE B 71 -6.98 -1.86 -0.31
C ILE B 71 -6.94 -2.99 0.71
N ASN B 72 -5.83 -3.09 1.45
CA ASN B 72 -5.67 -4.13 2.46
C ASN B 72 -6.23 -3.70 3.81
N GLU B 73 -7.13 -2.72 3.82
CA GLU B 73 -7.78 -2.30 5.06
C GLU B 73 -9.30 -2.23 4.88
N VAL B 74 -9.77 -2.07 3.65
CA VAL B 74 -11.20 -2.05 3.41
C VAL B 74 -11.66 -3.13 2.43
N LEU B 75 -10.79 -3.63 1.55
CA LEU B 75 -11.12 -4.74 0.65
C LEU B 75 -10.38 -5.99 1.11
N ASP B 76 -10.97 -7.16 0.82
CA ASP B 76 -10.29 -8.42 1.09
C ASP B 76 -9.34 -8.76 -0.06
N CYS B 77 -8.06 -8.87 0.26
CA CYS B 77 -7.05 -9.09 -0.77
C CYS B 77 -5.82 -9.73 -0.15
N VAL B 78 -4.91 -10.18 -1.02
CA VAL B 78 -3.63 -10.76 -0.63
C VAL B 78 -2.54 -9.88 -1.22
N VAL B 79 -1.87 -9.10 -0.37
CA VAL B 79 -0.74 -8.30 -0.82
C VAL B 79 0.44 -9.21 -1.16
N THR B 80 1.04 -8.97 -2.32
CA THR B 80 2.08 -9.83 -2.85
C THR B 80 3.08 -8.97 -3.59
N GLY B 81 4.35 -9.38 -3.56
CA GLY B 81 5.43 -8.62 -4.18
C GLY B 81 6.22 -9.45 -5.17
N ALA B 82 6.89 -8.76 -6.09
CA ALA B 82 7.75 -9.44 -7.05
C ALA B 82 9.02 -9.98 -6.41
N THR B 83 9.46 -9.39 -5.30
CA THR B 83 10.66 -9.83 -4.60
C THR B 83 10.39 -9.80 -3.10
N ARG B 84 11.28 -10.42 -2.34
CA ARG B 84 11.19 -10.41 -0.89
C ARG B 84 11.45 -9.03 -0.30
N ILE B 85 12.36 -8.26 -0.90
CA ILE B 85 12.64 -6.91 -0.40
C ILE B 85 11.40 -6.03 -0.51
N ALA B 86 10.70 -6.11 -1.65
CA ALA B 86 9.47 -5.35 -1.82
C ALA B 86 8.40 -5.78 -0.82
N ALA B 87 8.27 -7.08 -0.60
CA ALA B 87 7.29 -7.58 0.36
C ALA B 87 7.58 -7.07 1.76
N GLN B 88 8.85 -7.11 2.17
CA GLN B 88 9.23 -6.56 3.45
C GLN B 88 9.01 -5.05 3.53
N ASN B 89 9.28 -4.32 2.44
CA ASN B 89 9.06 -2.88 2.44
C ASN B 89 7.59 -2.54 2.66
N MET B 90 6.70 -3.21 1.93
CA MET B 90 5.28 -2.88 2.13
C MET B 90 4.77 -3.45 3.45
N TYR B 91 5.37 -4.53 3.95
CA TYR B 91 5.00 -5.02 5.27
C TYR B 91 5.34 -3.99 6.35
N ALA B 92 6.52 -3.38 6.25
CA ALA B 92 6.88 -2.31 7.18
C ALA B 92 5.97 -1.09 7.00
N LYS B 93 5.65 -0.76 5.74
CA LYS B 93 4.86 0.42 5.47
C LYS B 93 3.43 0.28 6.01
N LEU B 94 2.81 -0.88 5.76
CA LEU B 94 1.42 -1.10 6.12
C LEU B 94 1.24 -1.54 7.57
N SER B 95 2.18 -2.35 8.10
CA SER B 95 2.12 -2.74 9.51
C SER B 95 2.45 -1.57 10.42
N GLY B 96 2.94 -0.47 9.87
CA GLY B 96 3.09 0.78 10.58
C GLY B 96 1.84 1.64 10.58
N ALA B 97 0.77 1.19 9.94
CA ALA B 97 -0.49 1.92 9.89
C ALA B 97 -1.66 1.13 10.46
N PHE B 98 -1.71 -0.19 10.22
CA PHE B 98 -2.79 -1.02 10.74
C PHE B 98 -2.34 -2.47 10.79
N LEU B 99 -3.26 -3.40 11.05
CA LEU B 99 -2.98 -4.82 11.10
C LEU B 99 -2.48 -5.31 9.76
N SER B 100 -1.51 -6.23 9.79
CA SER B 100 -0.91 -6.75 8.58
C SER B 100 -0.61 -8.23 8.77
N ARG B 101 -0.75 -8.98 7.69
CA ARG B 101 -0.33 -10.37 7.62
C ARG B 101 1.05 -10.46 7.00
N PRO B 102 1.81 -11.52 7.31
CA PRO B 102 3.10 -11.70 6.63
C PRO B 102 2.94 -11.73 5.12
N ILE B 103 3.49 -10.73 4.44
CA ILE B 103 3.33 -10.56 3.01
C ILE B 103 4.33 -11.50 2.33
N ASN B 104 3.82 -12.56 1.73
CA ASN B 104 4.67 -13.53 1.08
C ASN B 104 4.94 -13.11 -0.36
N THR B 105 6.04 -13.60 -0.90
CA THR B 105 6.45 -13.25 -2.24
C THR B 105 5.49 -13.86 -3.27
N ILE B 106 5.61 -13.38 -4.50
CA ILE B 106 4.97 -14.09 -5.61
C ILE B 106 5.57 -15.48 -5.76
N PHE B 107 6.75 -15.69 -5.16
CA PHE B 107 7.37 -17.01 -5.18
C PHE B 107 6.78 -17.94 -4.11
N HIS B 108 6.56 -17.44 -2.90
CA HIS B 108 5.99 -18.28 -1.85
C HIS B 108 4.61 -18.78 -2.24
N GLU B 109 3.67 -17.86 -2.46
CA GLU B 109 2.43 -18.21 -3.15
C GLU B 109 2.73 -18.60 -4.59
N PHE B 110 1.69 -19.02 -5.30
CA PHE B 110 1.81 -19.42 -6.71
C PHE B 110 2.52 -20.77 -6.79
N GLY B 111 2.96 -21.30 -5.65
CA GLY B 111 3.61 -22.59 -5.58
C GLY B 111 5.08 -22.59 -5.94
N PHE B 112 5.65 -21.44 -6.26
CA PHE B 112 7.03 -21.37 -6.73
C PHE B 112 7.98 -21.79 -5.61
N ARG B 113 9.03 -22.52 -5.97
CA ARG B 113 9.97 -23.05 -5.00
C ARG B 113 11.39 -22.93 -5.57
N GLY B 114 12.37 -23.41 -4.79
CA GLY B 114 13.76 -23.32 -5.16
C GLY B 114 14.12 -24.11 -6.41
N ASN B 115 13.60 -25.33 -6.52
CA ASN B 115 13.83 -26.12 -7.73
C ASN B 115 13.20 -25.46 -8.95
N HIS B 116 12.10 -24.73 -8.75
CA HIS B 116 11.45 -24.03 -9.84
C HIS B 116 12.22 -22.78 -10.27
N VAL B 117 13.16 -22.30 -9.44
CA VAL B 117 13.91 -21.10 -9.79
C VAL B 117 14.75 -21.33 -11.03
N GLN B 118 15.43 -22.48 -11.10
CA GLN B 118 16.31 -22.81 -12.22
C GLN B 118 15.52 -23.64 -13.22
N ALA B 119 15.33 -23.09 -14.42
CA ALA B 119 14.60 -23.79 -15.48
C ALA B 119 15.02 -23.24 -16.83
N GLN B 120 15.04 -24.10 -17.85
CA GLN B 120 15.40 -23.69 -19.21
C GLN B 120 14.18 -23.12 -19.93
N LEU B 121 13.74 -21.95 -19.45
CA LEU B 121 12.58 -21.30 -20.02
C LEU B 121 12.87 -20.73 -21.39
N GLY B 122 11.87 -20.74 -22.26
CA GLY B 122 11.95 -20.12 -23.57
C GLY B 122 12.45 -21.01 -24.68
N GLN B 123 12.76 -22.28 -24.39
CA GLN B 123 13.28 -23.17 -25.42
C GLN B 123 12.15 -23.89 -26.16
N TYR B 124 10.94 -23.34 -26.10
CA TYR B 124 9.82 -23.86 -26.85
C TYR B 124 9.28 -22.79 -27.78
N PRO B 125 9.28 -23.03 -29.09
CA PRO B 125 8.85 -22.02 -30.04
C PRO B 125 7.33 -21.83 -30.07
N TYR B 126 6.93 -20.67 -30.60
CA TYR B 126 5.50 -20.34 -30.72
C TYR B 126 5.37 -19.36 -31.87
N THR B 127 4.50 -19.69 -32.83
CA THR B 127 4.20 -18.79 -33.94
C THR B 127 2.77 -18.30 -33.82
N LEU B 128 2.60 -16.97 -33.79
CA LEU B 128 1.27 -16.38 -33.65
C LEU B 128 0.53 -16.41 -34.99
N THR B 129 -0.27 -17.45 -35.20
CA THR B 129 -0.89 -17.68 -36.50
C THR B 129 -1.99 -16.65 -36.78
N SER B 130 -2.82 -16.38 -35.79
CA SER B 130 -4.02 -15.56 -36.00
C SER B 130 -3.66 -14.08 -36.12
N ASN B 131 -4.71 -13.25 -36.04
CA ASN B 131 -4.60 -11.80 -36.03
C ASN B 131 -3.68 -11.38 -34.89
N PRO B 132 -2.70 -10.50 -35.14
CA PRO B 132 -1.50 -10.44 -34.28
C PRO B 132 -1.73 -10.63 -32.78
N ALA B 133 -2.77 -10.01 -32.22
CA ALA B 133 -2.95 -10.13 -30.77
C ALA B 133 -4.34 -10.65 -30.47
N SER B 134 -4.39 -11.80 -29.77
CA SER B 134 -5.62 -12.40 -29.30
C SER B 134 -5.38 -13.08 -27.97
N LEU B 135 -6.41 -13.08 -27.11
CA LEU B 135 -6.26 -13.56 -25.74
C LEU B 135 -5.87 -15.03 -25.68
N GLU B 136 -6.52 -15.86 -26.51
CA GLU B 136 -6.20 -17.29 -26.57
C GLU B 136 -4.73 -17.51 -26.85
N ASP B 137 -4.26 -16.94 -27.96
CA ASP B 137 -2.88 -17.14 -28.41
C ASP B 137 -1.88 -16.54 -27.43
N LEU B 138 -2.17 -15.35 -26.90
CA LEU B 138 -1.25 -14.70 -25.97
C LEU B 138 -1.10 -15.53 -24.68
N GLN B 139 -2.23 -15.98 -24.13
CA GLN B 139 -2.14 -16.82 -22.93
C GLN B 139 -1.42 -18.13 -23.22
N ARG B 140 -1.70 -18.73 -24.38
CA ARG B 140 -1.05 -20.00 -24.71
C ARG B 140 0.46 -19.82 -24.88
N ARG B 141 0.91 -18.72 -25.47
CA ARG B 141 2.34 -18.52 -25.63
C ARG B 141 3.00 -18.11 -24.32
N ASP B 142 2.28 -17.41 -23.43
CA ASP B 142 2.81 -17.17 -22.09
C ASP B 142 3.02 -18.48 -21.35
N LEU B 143 2.07 -19.40 -21.46
CA LEU B 143 2.26 -20.73 -20.88
C LEU B 143 3.36 -21.53 -21.54
N THR B 144 3.51 -21.43 -22.87
CA THR B 144 4.57 -22.08 -23.59
C THR B 144 5.97 -21.60 -23.20
N TYR B 145 6.15 -20.29 -23.07
CA TYR B 145 7.43 -19.72 -22.68
C TYR B 145 7.82 -20.12 -21.26
N TYR B 146 6.83 -20.32 -20.40
CA TYR B 146 7.05 -20.64 -18.99
C TYR B 146 6.60 -22.06 -18.65
N TRP B 147 6.89 -23.02 -19.54
CA TRP B 147 6.21 -24.31 -19.51
C TRP B 147 6.72 -25.21 -18.39
N GLU B 148 8.02 -25.17 -18.11
CA GLU B 148 8.59 -26.11 -17.15
C GLU B 148 7.99 -25.92 -15.75
N VAL B 149 7.97 -24.67 -15.27
CA VAL B 149 7.46 -24.41 -13.92
C VAL B 149 5.97 -24.67 -13.86
N ILE B 150 5.23 -24.29 -14.90
CA ILE B 150 3.79 -24.54 -14.93
C ILE B 150 3.51 -26.04 -14.86
N LEU B 151 4.23 -26.82 -15.65
CA LEU B 151 4.05 -28.27 -15.66
C LEU B 151 4.36 -28.87 -14.29
N ASP B 152 5.49 -28.46 -13.69
CA ASP B 152 5.84 -28.99 -12.37
C ASP B 152 4.81 -28.61 -11.32
N LEU B 153 4.34 -27.35 -11.36
CA LEU B 153 3.34 -26.88 -10.41
C LEU B 153 2.03 -27.65 -10.55
N THR B 154 1.57 -27.87 -11.78
CA THR B 154 0.35 -28.65 -11.97
C THR B 154 0.51 -30.08 -11.48
N LYS B 155 1.66 -30.72 -11.77
CA LYS B 155 1.86 -32.07 -11.27
C LYS B 155 1.86 -32.12 -9.76
N ARG B 156 2.55 -31.17 -9.12
CA ARG B 156 2.59 -31.15 -7.66
C ARG B 156 1.22 -30.89 -7.05
N ALA B 157 0.45 -30.00 -7.68
CA ALA B 157 -0.86 -29.65 -7.14
C ALA B 157 -1.85 -30.81 -7.28
N LEU B 158 -1.95 -31.40 -8.47
CA LEU B 158 -2.95 -32.44 -8.69
C LEU B 158 -2.53 -33.77 -8.06
N ALA B 159 -1.23 -34.09 -8.13
CA ALA B 159 -0.76 -35.33 -7.51
C ALA B 159 -0.91 -35.28 -6.00
N ALA B 160 -0.60 -34.14 -5.39
CA ALA B 160 -0.69 -33.98 -3.95
C ALA B 160 -1.76 -32.95 -3.59
N LEU B 166 -9.85 -36.37 -2.06
CA LEU B 166 -9.00 -36.22 -0.89
C LEU B 166 -8.89 -34.75 -0.47
N ARG B 167 -9.07 -33.85 -1.44
CA ARG B 167 -8.98 -32.42 -1.19
C ARG B 167 -10.37 -31.88 -0.81
N ASN B 168 -10.93 -32.50 0.23
CA ASN B 168 -12.31 -32.27 0.67
C ASN B 168 -12.46 -31.11 1.63
N GLU B 169 -11.47 -30.20 1.71
CA GLU B 169 -11.53 -29.14 2.73
C GLU B 169 -12.76 -28.26 2.55
N PHE B 170 -13.13 -27.99 1.31
CA PHE B 170 -14.32 -27.19 1.02
C PHE B 170 -15.53 -28.05 0.68
N ARG B 171 -15.32 -29.18 0.00
CA ARG B 171 -16.45 -29.99 -0.47
C ARG B 171 -17.20 -30.64 0.69
N ALA B 172 -16.48 -31.05 1.74
CA ALA B 172 -17.14 -31.63 2.90
C ALA B 172 -18.07 -30.65 3.60
N LEU B 173 -17.66 -29.39 3.73
CA LEU B 173 -18.52 -28.34 4.27
C LEU B 173 -19.71 -28.03 3.36
N ALA B 174 -19.48 -28.03 2.04
CA ALA B 174 -20.57 -27.81 1.10
C ALA B 174 -21.61 -28.93 1.18
N ALA B 175 -21.16 -30.17 1.36
CA ALA B 175 -22.09 -31.28 1.53
C ALA B 175 -22.94 -31.10 2.77
N LEU B 176 -22.33 -30.66 3.87
CA LEU B 176 -23.08 -30.41 5.09
C LEU B 176 -24.07 -29.26 4.94
N GLU B 177 -23.68 -28.18 4.25
CA GLU B 177 -24.63 -27.11 3.96
C GLU B 177 -25.79 -27.60 3.10
N ARG B 178 -25.52 -28.43 2.10
CA ARG B 178 -26.59 -29.02 1.30
C ARG B 178 -27.50 -29.90 2.14
N THR B 179 -26.95 -30.65 3.09
CA THR B 179 -27.75 -31.48 3.98
C THR B 179 -28.64 -30.60 4.85
N LEU B 180 -28.10 -29.50 5.35
CA LEU B 180 -28.87 -28.57 6.17
C LEU B 180 -29.79 -27.73 5.30
N ALA B 183 -28.28 -23.49 6.39
CA ALA B 183 -27.01 -22.92 5.95
C ALA B 183 -26.78 -23.19 4.47
N GLU B 184 -26.35 -22.16 3.75
CA GLU B 184 -26.08 -22.29 2.32
C GLU B 184 -25.06 -21.25 1.91
N GLY B 185 -23.87 -21.69 1.51
CA GLY B 185 -22.80 -20.80 1.13
C GLY B 185 -22.32 -19.90 2.25
N ALA B 186 -22.25 -20.44 3.48
CA ALA B 186 -21.82 -19.66 4.63
C ALA B 186 -20.76 -20.40 5.44
N LEU B 187 -20.71 -21.73 5.30
CA LEU B 187 -19.76 -22.53 6.06
C LEU B 187 -18.42 -22.69 5.36
N THR B 188 -18.37 -22.63 4.04
CA THR B 188 -17.11 -22.71 3.32
C THR B 188 -16.26 -21.45 3.45
N ARG B 189 -16.85 -20.34 3.90
CA ARG B 189 -16.09 -19.12 4.08
C ARG B 189 -15.19 -19.18 5.32
N LEU B 190 -15.45 -20.10 6.24
CA LEU B 190 -14.63 -20.28 7.43
C LEU B 190 -13.58 -21.37 7.26
N ALA B 191 -13.56 -22.01 6.09
CA ALA B 191 -12.60 -23.06 5.78
C ALA B 191 -11.16 -22.57 5.79
N PRO B 192 -10.83 -21.42 5.20
CA PRO B 192 -9.45 -20.93 5.28
C PRO B 192 -8.97 -20.65 6.70
N ALA B 193 -9.86 -20.23 7.61
CA ALA B 193 -9.48 -19.99 8.99
C ALA B 193 -9.34 -21.27 9.80
N THR B 194 -9.77 -22.40 9.27
CA THR B 194 -9.62 -23.68 9.95
C THR B 194 -8.37 -24.44 9.52
N HIS B 195 -8.07 -24.45 8.22
CA HIS B 195 -6.87 -25.14 7.71
C HIS B 195 -5.94 -24.06 7.17
N GLY B 196 -4.82 -23.84 7.88
CA GLY B 196 -3.93 -22.75 7.51
C GLY B 196 -3.01 -23.11 6.34
N ALA B 197 -2.97 -24.39 5.98
CA ALA B 197 -2.07 -24.86 4.93
C ALA B 197 -2.45 -24.32 3.56
N LEU B 198 -3.68 -23.85 3.41
CA LEU B 198 -4.18 -23.41 2.11
C LEU B 198 -3.47 -22.16 1.61
N PRO B 199 -3.10 -22.09 0.32
CA PRO B 199 -2.59 -20.84 -0.23
C PRO B 199 -3.58 -19.70 -0.10
N ALA B 200 -3.07 -18.48 0.07
CA ALA B 200 -3.93 -17.31 0.26
C ALA B 200 -4.62 -16.90 -1.04
N PHE B 201 -4.18 -17.44 -2.18
CA PHE B 201 -4.89 -17.22 -3.42
C PHE B 201 -6.29 -17.83 -3.39
N THR B 202 -6.56 -18.75 -2.45
CA THR B 202 -7.88 -19.33 -2.27
C THR B 202 -8.84 -18.38 -1.55
N ARG B 203 -8.31 -17.53 -0.69
CA ARG B 203 -9.08 -16.66 0.18
C ARG B 203 -9.71 -15.48 -0.54
N SER B 204 -9.03 -14.93 -1.55
CA SER B 204 -9.53 -13.76 -2.24
C SER B 204 -9.08 -13.79 -3.69
N ASN B 205 -9.93 -13.26 -4.58
CA ASN B 205 -9.58 -13.17 -5.99
C ASN B 205 -8.71 -11.97 -6.31
N VAL B 206 -8.54 -11.05 -5.37
CA VAL B 206 -7.72 -9.86 -5.60
C VAL B 206 -6.32 -10.10 -5.04
N ILE B 207 -5.31 -9.95 -5.91
CA ILE B 207 -3.92 -10.10 -5.53
C ILE B 207 -3.23 -8.78 -5.84
N VAL B 208 -2.97 -7.98 -4.82
CA VAL B 208 -2.32 -6.68 -5.00
C VAL B 208 -0.83 -6.90 -5.16
N ILE B 209 -0.27 -6.43 -6.27
CA ILE B 209 1.13 -6.61 -6.60
C ILE B 209 1.82 -5.25 -6.62
N ASP B 210 2.88 -5.12 -5.83
CA ASP B 210 3.68 -3.91 -5.81
C ASP B 210 4.95 -4.15 -6.63
N GLU B 211 5.40 -3.12 -7.32
CA GLU B 211 6.54 -3.19 -8.24
C GLU B 211 6.31 -4.29 -9.27
N ALA B 212 5.10 -4.32 -9.83
CA ALA B 212 4.73 -5.34 -10.81
C ALA B 212 5.47 -5.20 -12.14
N GLY B 213 6.17 -4.08 -12.35
CA GLY B 213 6.93 -3.90 -13.58
C GLY B 213 8.19 -4.71 -13.66
N LEU B 214 8.59 -5.37 -12.58
CA LEU B 214 9.75 -6.24 -12.58
C LEU B 214 9.39 -7.68 -12.92
N LEU B 215 8.10 -8.00 -13.02
CA LEU B 215 7.69 -9.37 -13.30
C LEU B 215 7.64 -9.58 -14.81
N GLY B 216 7.82 -10.83 -15.23
CA GLY B 216 7.90 -11.13 -16.63
C GLY B 216 6.61 -10.87 -17.39
N ARG B 217 6.76 -10.59 -18.68
CA ARG B 217 5.61 -10.43 -19.57
C ARG B 217 4.77 -11.70 -19.59
N HIS B 218 5.42 -12.85 -19.41
CA HIS B 218 4.79 -14.16 -19.45
C HIS B 218 4.17 -14.57 -18.12
N LEU B 219 4.47 -13.83 -17.05
CA LEU B 219 4.16 -14.28 -15.70
C LEU B 219 2.74 -13.94 -15.24
N LEU B 220 2.09 -12.95 -15.85
CA LEU B 220 0.70 -12.64 -15.50
C LEU B 220 -0.21 -13.83 -15.82
N THR B 221 -0.07 -14.39 -17.02
CA THR B 221 -0.88 -15.54 -17.40
C THR B 221 -0.57 -16.74 -16.52
N ALA B 222 0.69 -16.93 -16.13
CA ALA B 222 1.04 -18.04 -15.26
C ALA B 222 0.36 -17.90 -13.90
N VAL B 223 0.36 -16.69 -13.35
CA VAL B 223 -0.31 -16.46 -12.06
C VAL B 223 -1.80 -16.70 -12.18
N VAL B 224 -2.43 -16.22 -13.25
CA VAL B 224 -3.86 -16.46 -13.45
C VAL B 224 -4.13 -17.96 -13.57
N TYR B 225 -3.29 -18.66 -14.32
CA TYR B 225 -3.43 -20.09 -14.54
C TYR B 225 -3.37 -20.86 -13.21
N CYS B 226 -2.34 -20.60 -12.41
CA CYS B 226 -2.19 -21.31 -11.16
C CYS B 226 -3.20 -20.87 -10.10
N TRP B 227 -3.70 -19.64 -10.17
CA TRP B 227 -4.78 -19.21 -9.29
C TRP B 227 -6.08 -19.95 -9.61
N TRP B 228 -6.43 -20.02 -10.90
CA TRP B 228 -7.57 -20.85 -11.30
C TRP B 228 -7.35 -22.31 -10.94
N MET B 229 -6.09 -22.76 -10.97
CA MET B 229 -5.78 -24.13 -10.55
C MET B 229 -6.17 -24.37 -9.11
N ILE B 230 -5.71 -23.52 -8.20
CA ILE B 230 -6.01 -23.70 -6.77
C ILE B 230 -7.50 -23.51 -6.54
N ASN B 231 -8.13 -22.61 -7.28
CA ASN B 231 -9.56 -22.39 -7.15
C ASN B 231 -10.38 -23.58 -7.64
N ALA B 232 -9.89 -24.31 -8.63
CA ALA B 232 -10.62 -25.44 -9.18
C ALA B 232 -10.40 -26.73 -8.41
N LEU B 233 -9.17 -27.03 -8.00
CA LEU B 233 -8.94 -28.19 -7.17
C LEU B 233 -9.64 -28.09 -5.83
N TYR B 234 -9.58 -26.93 -5.16
CA TYR B 234 -10.07 -26.79 -3.80
C TYR B 234 -11.59 -26.54 -3.76
N HIS B 235 -12.17 -26.11 -4.88
CA HIS B 235 -13.59 -25.79 -4.98
C HIS B 235 -13.99 -24.79 -3.89
N THR B 236 -13.32 -23.63 -3.87
CA THR B 236 -13.47 -22.43 -3.07
C THR B 236 -14.73 -21.68 -3.47
N PRO B 237 -15.41 -21.01 -2.52
CA PRO B 237 -16.69 -20.37 -2.87
C PRO B 237 -16.58 -19.28 -3.93
N GLN B 238 -15.44 -18.61 -4.04
CA GLN B 238 -15.29 -17.60 -5.09
C GLN B 238 -15.25 -18.27 -6.46
N TYR B 239 -14.70 -19.49 -6.54
CA TYR B 239 -14.75 -20.23 -7.80
C TYR B 239 -16.16 -20.78 -8.06
N ALA B 240 -16.85 -21.19 -7.00
CA ALA B 240 -18.22 -21.68 -7.14
C ALA B 240 -19.19 -20.61 -7.60
N ALA B 241 -19.03 -19.38 -7.13
CA ALA B 241 -19.87 -18.26 -7.56
C ALA B 241 -19.31 -17.57 -8.80
N ARG B 242 -18.26 -18.12 -9.42
CA ARG B 242 -17.72 -17.65 -10.68
C ARG B 242 -17.15 -16.23 -10.56
N LEU B 243 -16.25 -16.06 -9.60
CA LEU B 243 -15.49 -14.82 -9.49
C LEU B 243 -14.20 -14.93 -10.29
N ARG B 244 -13.74 -13.79 -10.80
CA ARG B 244 -12.58 -13.71 -11.66
C ARG B 244 -11.44 -12.98 -10.95
N PRO B 245 -10.19 -13.31 -11.27
CA PRO B 245 -9.07 -12.63 -10.63
C PRO B 245 -9.08 -11.13 -10.93
N VAL B 246 -8.76 -10.34 -9.92
CA VAL B 246 -8.61 -8.89 -10.07
C VAL B 246 -7.25 -8.54 -9.47
N LEU B 247 -6.22 -8.56 -10.29
CA LEU B 247 -4.87 -8.28 -9.80
C LEU B 247 -4.60 -6.78 -9.83
N VAL B 248 -4.17 -6.25 -8.70
CA VAL B 248 -3.86 -4.82 -8.55
C VAL B 248 -2.35 -4.71 -8.76
N CYS B 249 -1.94 -4.39 -9.98
CA CYS B 249 -0.53 -4.25 -10.30
C CYS B 249 -0.09 -2.80 -10.07
N VAL B 250 0.81 -2.61 -9.11
CA VAL B 250 1.29 -1.28 -8.73
C VAL B 250 2.77 -1.24 -9.07
N GLY B 251 3.17 -0.29 -9.91
CA GLY B 251 4.56 -0.18 -10.29
C GLY B 251 4.78 1.04 -11.16
N SER B 252 6.05 1.24 -11.52
CA SER B 252 6.45 2.36 -12.38
C SER B 252 7.04 1.83 -13.67
N PRO B 253 6.30 1.86 -14.78
CA PRO B 253 6.86 1.34 -16.05
C PRO B 253 8.08 2.10 -16.52
N THR B 254 8.15 3.41 -16.24
CA THR B 254 9.29 4.21 -16.66
C THR B 254 10.55 3.96 -15.83
N GLN B 255 10.41 3.38 -14.64
CA GLN B 255 11.57 3.09 -13.80
C GLN B 255 11.78 1.59 -13.62
N THR B 256 10.77 0.85 -13.21
CA THR B 256 10.92 -0.59 -13.02
C THR B 256 10.97 -1.30 -14.37
N ALA B 257 12.15 -1.79 -14.72
CA ALA B 257 12.35 -2.49 -15.98
C ALA B 257 12.48 -4.00 -15.76
N GLU B 276 8.22 -6.64 -22.38
CA GLU B 276 9.07 -7.61 -21.70
C GLU B 276 8.79 -7.61 -20.19
N ASN B 277 7.70 -6.97 -19.80
CA ASN B 277 7.31 -6.90 -18.40
C ASN B 277 5.80 -6.69 -18.32
N VAL B 278 5.25 -6.91 -17.12
CA VAL B 278 3.81 -6.86 -16.91
C VAL B 278 3.26 -5.48 -17.25
N LEU B 279 3.91 -4.43 -16.75
CA LEU B 279 3.44 -3.07 -16.99
C LEU B 279 3.47 -2.74 -18.48
N THR B 280 4.58 -3.06 -19.16
CA THR B 280 4.66 -2.82 -20.59
C THR B 280 3.66 -3.65 -21.36
N TYR B 281 3.47 -4.92 -20.97
CA TYR B 281 2.49 -5.79 -21.62
C TYR B 281 1.09 -5.21 -21.51
N LEU B 282 0.73 -4.70 -20.33
CA LEU B 282 -0.61 -4.17 -20.13
C LEU B 282 -0.82 -2.85 -20.84
N ILE B 283 0.15 -1.92 -20.75
CA ILE B 283 -0.05 -0.61 -21.34
C ILE B 283 0.07 -0.64 -22.87
N CYS B 284 1.07 -1.32 -23.40
CA CYS B 284 1.41 -1.20 -24.82
C CYS B 284 0.63 -2.14 -25.73
N ASN B 285 0.18 -3.28 -25.24
CA ASN B 285 -0.50 -4.27 -26.07
C ASN B 285 -1.86 -3.72 -26.50
N ARG B 286 -2.24 -3.99 -27.76
CA ARG B 286 -3.44 -3.40 -28.31
C ARG B 286 -4.71 -4.06 -27.77
N THR B 287 -4.74 -5.39 -27.65
CA THR B 287 -5.97 -6.08 -27.28
C THR B 287 -6.15 -6.24 -25.78
N LEU B 288 -5.06 -6.22 -25.00
CA LEU B 288 -5.21 -6.24 -23.55
C LEU B 288 -5.74 -4.91 -23.03
N ARG B 289 -5.49 -3.82 -23.76
CA ARG B 289 -6.09 -2.53 -23.43
C ARG B 289 -7.60 -2.52 -23.67
N GLU B 290 -8.12 -3.44 -24.47
CA GLU B 290 -9.55 -3.57 -24.72
C GLU B 290 -10.22 -4.57 -23.79
N TYR B 291 -9.63 -5.76 -23.63
CA TYR B 291 -10.22 -6.78 -22.75
C TYR B 291 -10.22 -6.31 -21.30
N ALA B 292 -9.07 -5.87 -20.80
CA ALA B 292 -8.98 -5.43 -19.42
C ALA B 292 -9.61 -4.05 -19.21
N ARG B 293 -9.79 -3.29 -20.28
CA ARG B 293 -10.39 -1.95 -20.20
C ARG B 293 -9.60 -1.07 -19.23
N LEU B 294 -8.33 -0.83 -19.56
CA LEU B 294 -7.46 -0.03 -18.70
C LEU B 294 -7.98 1.39 -18.53
N SER B 295 -8.58 1.95 -19.59
CA SER B 295 -9.04 3.33 -19.58
C SER B 295 -9.97 3.59 -18.40
N TYR B 296 -10.79 2.61 -18.03
CA TYR B 296 -11.69 2.74 -16.89
C TYR B 296 -11.11 2.16 -15.60
N SER B 297 -9.94 1.53 -15.66
CA SER B 297 -9.35 0.88 -14.49
C SER B 297 -7.86 1.18 -14.41
N TRP B 298 -7.49 2.45 -14.57
CA TRP B 298 -6.08 2.85 -14.48
C TRP B 298 -5.99 4.20 -13.79
N ALA B 299 -5.12 4.29 -12.79
CA ALA B 299 -4.87 5.53 -12.08
C ALA B 299 -3.41 5.95 -12.26
N ILE B 300 -3.20 7.24 -12.45
CA ILE B 300 -1.87 7.80 -12.67
C ILE B 300 -1.53 8.73 -11.51
N PHE B 301 -0.40 8.48 -10.87
CA PHE B 301 0.08 9.28 -9.76
C PHE B 301 1.29 10.10 -10.22
N ILE B 302 1.21 11.42 -10.08
CA ILE B 302 2.22 12.33 -10.58
C ILE B 302 2.94 13.06 -9.44
N ASN B 303 2.59 12.73 -8.20
CA ASN B 303 3.27 13.30 -7.05
C ASN B 303 4.65 12.65 -6.87
N ASN B 304 5.51 13.33 -6.12
CA ASN B 304 6.85 12.80 -5.82
C ASN B 304 7.29 13.38 -4.49
N LYS B 305 7.17 12.59 -3.42
CA LYS B 305 7.60 13.03 -2.10
C LYS B 305 9.12 12.96 -1.94
N ARG B 306 9.81 12.23 -2.81
CA ARG B 306 11.26 12.10 -2.73
C ARG B 306 11.95 13.44 -2.98
N CYS B 307 11.80 13.97 -4.18
CA CYS B 307 12.37 15.28 -4.50
C CYS B 307 11.32 16.37 -4.36
N VAL B 308 11.68 17.46 -3.70
CA VAL B 308 10.74 18.53 -3.38
C VAL B 308 11.26 19.89 -3.84
N GLU B 309 12.22 19.91 -4.76
CA GLU B 309 12.82 21.16 -5.22
C GLU B 309 12.47 21.42 -6.68
N HIS B 310 12.62 22.68 -7.07
CA HIS B 310 12.14 23.15 -8.37
C HIS B 310 12.88 22.46 -9.51
N GLU B 311 14.17 22.77 -9.65
CA GLU B 311 14.99 22.29 -10.79
C GLU B 311 14.94 20.76 -10.92
N PHE B 312 15.37 20.05 -9.90
CA PHE B 312 15.42 18.59 -9.99
C PHE B 312 14.05 18.00 -10.31
N GLY B 313 13.00 18.54 -9.72
CA GLY B 313 11.66 18.09 -9.99
C GLY B 313 11.30 18.25 -11.46
N ASN B 314 11.63 19.40 -12.04
CA ASN B 314 11.32 19.60 -13.46
C ASN B 314 12.17 18.74 -14.38
N LEU B 315 13.40 18.41 -14.01
CA LEU B 315 14.17 17.47 -14.82
C LEU B 315 13.60 16.06 -14.74
N MET B 316 13.23 15.60 -13.55
CA MET B 316 12.63 14.25 -13.53
C MET B 316 11.39 14.25 -14.42
N LYS B 317 10.88 15.25 -14.52
CA LYS B 317 9.72 15.31 -15.43
C LYS B 317 10.19 15.15 -16.88
N VAL B 318 10.88 15.79 -17.12
CA VAL B 318 11.29 15.57 -18.50
C VAL B 318 11.72 14.13 -18.73
N LEU B 319 12.50 13.56 -17.79
CA LEU B 319 13.06 12.23 -17.99
C LEU B 319 12.00 11.13 -17.97
N GLU B 320 10.83 11.40 -17.40
CA GLU B 320 9.79 10.37 -17.33
C GLU B 320 8.77 10.49 -18.45
N TYR B 321 8.38 11.70 -18.82
CA TYR B 321 7.32 11.92 -19.79
C TYR B 321 7.84 12.07 -21.21
N GLY B 322 9.15 11.92 -21.41
CA GLY B 322 9.73 12.05 -22.73
C GLY B 322 9.60 13.43 -23.32
N LEU B 323 9.69 14.46 -22.48
CA LEU B 323 9.60 15.83 -22.94
C LEU B 323 10.86 16.18 -23.75
N PRO B 324 10.73 17.11 -24.69
CA PRO B 324 11.90 17.51 -25.48
C PRO B 324 13.00 18.10 -24.61
N ILE B 325 14.24 17.84 -24.98
CA ILE B 325 15.39 18.31 -24.23
C ILE B 325 15.68 19.76 -24.62
N THR B 326 15.54 20.67 -23.66
CA THR B 326 15.79 22.09 -23.86
C THR B 326 17.22 22.42 -23.41
N GLU B 327 17.55 23.71 -23.38
CA GLU B 327 18.87 24.15 -22.98
C GLU B 327 18.94 24.64 -21.55
N GLU B 328 17.87 24.46 -20.76
CA GLU B 328 17.91 24.80 -19.34
C GLU B 328 18.00 23.53 -18.49
N HIS B 329 17.08 22.59 -18.71
CA HIS B 329 17.22 21.27 -18.12
C HIS B 329 18.56 20.65 -18.47
N MET B 330 19.03 20.87 -19.69
CA MET B 330 20.44 20.70 -19.99
C MET B 330 21.19 21.92 -19.48
N GLN B 331 22.36 21.70 -18.89
CA GLN B 331 23.10 22.76 -18.17
C GLN B 331 22.67 22.54 -16.71
N PHE B 332 21.37 22.28 -16.47
CA PHE B 332 21.06 21.93 -15.09
C PHE B 332 21.91 20.77 -14.61
N VAL B 333 22.15 19.78 -15.48
CA VAL B 333 22.94 18.61 -15.14
C VAL B 333 24.44 18.89 -15.20
N ASP B 334 24.83 20.10 -15.60
CA ASP B 334 26.24 20.47 -15.62
C ASP B 334 26.73 21.04 -14.30
N ARG B 335 25.85 21.19 -13.32
CA ARG B 335 26.21 21.78 -12.04
C ARG B 335 26.64 20.68 -11.07
N ILE B 343 34.91 9.34 -8.23
CA ILE B 343 33.84 8.38 -8.47
C ILE B 343 34.44 6.99 -8.67
N THR B 344 35.20 6.82 -9.76
CA THR B 344 35.88 5.55 -10.00
C THR B 344 36.93 5.29 -8.92
N ASN B 345 37.67 6.33 -8.52
CA ASN B 345 38.67 6.23 -7.47
C ASN B 345 38.08 6.56 -6.11
N PRO B 346 38.15 5.64 -5.15
CA PRO B 346 37.58 5.89 -3.81
C PRO B 346 38.43 6.77 -2.91
N ALA B 347 39.46 7.45 -3.44
CA ALA B 347 40.45 8.11 -2.59
C ALA B 347 39.83 9.10 -1.60
N ASN B 348 39.00 10.02 -2.09
CA ASN B 348 38.31 10.94 -1.19
C ASN B 348 36.85 11.04 -1.65
N LEU B 349 36.03 10.11 -1.18
CA LEU B 349 34.57 10.12 -1.26
C LEU B 349 34.02 9.16 -0.21
N PRO B 350 34.17 9.46 1.07
CA PRO B 350 33.73 8.52 2.11
C PRO B 350 32.22 8.51 2.27
N GLY B 351 31.67 7.30 2.30
CA GLY B 351 30.26 7.12 2.54
C GLY B 351 29.35 7.29 1.34
N TRP B 352 29.80 6.91 0.15
CA TRP B 352 28.97 7.01 -1.05
C TRP B 352 28.90 5.66 -1.76
N THR B 353 27.80 5.45 -2.47
CA THR B 353 27.62 4.26 -3.30
C THR B 353 27.75 4.63 -4.78
N ARG B 354 28.21 3.67 -5.57
CA ARG B 354 28.50 3.89 -6.98
C ARG B 354 27.65 2.94 -7.82
N LEU B 355 26.96 3.49 -8.82
CA LEU B 355 26.07 2.71 -9.67
C LEU B 355 26.76 2.48 -11.02
N PHE B 356 27.56 1.42 -11.08
CA PHE B 356 28.26 1.08 -12.30
C PHE B 356 27.29 0.49 -13.33
N SER B 357 27.71 0.50 -14.59
CA SER B 357 26.84 0.05 -15.68
C SER B 357 26.78 -1.46 -15.76
N SER B 358 27.93 -2.10 -15.98
CA SER B 358 27.99 -3.55 -16.17
C SER B 358 28.43 -4.24 -14.87
N HIS B 359 28.13 -5.53 -14.79
CA HIS B 359 28.47 -6.31 -13.60
C HIS B 359 29.99 -6.45 -13.45
N LYS B 360 30.70 -6.52 -14.58
CA LYS B 360 32.15 -6.62 -14.54
C LYS B 360 32.77 -5.39 -13.92
N GLU B 361 32.21 -4.20 -14.20
CA GLU B 361 32.69 -2.98 -13.57
C GLU B 361 32.46 -3.00 -12.06
N VAL B 362 31.31 -3.53 -11.63
CA VAL B 362 31.05 -3.66 -10.20
C VAL B 362 32.06 -4.61 -9.55
N SER B 363 32.35 -5.74 -10.20
CA SER B 363 33.34 -6.66 -9.67
C SER B 363 34.72 -6.02 -9.60
N ALA B 364 35.06 -5.23 -10.61
CA ALA B 364 36.32 -4.51 -10.60
C ALA B 364 36.38 -3.49 -9.46
N TYR B 365 35.27 -2.79 -9.20
CA TYR B 365 35.28 -1.83 -8.11
C TYR B 365 35.32 -2.51 -6.76
N MET B 366 34.74 -3.70 -6.64
CA MET B 366 34.97 -4.50 -5.45
C MET B 366 36.42 -4.94 -5.31
N ALA B 367 37.09 -5.29 -6.40
CA ALA B 367 38.50 -5.64 -6.37
C ALA B 367 39.40 -4.45 -6.08
N LYS B 368 38.91 -3.24 -6.32
CA LYS B 368 39.68 -2.02 -6.09
C LYS B 368 39.46 -1.44 -4.69
N LEU B 369 38.20 -1.37 -4.23
CA LEU B 369 37.90 -0.80 -2.92
C LEU B 369 38.43 -1.66 -1.78
N HIS B 370 38.47 -2.98 -1.97
CA HIS B 370 38.96 -3.90 -0.96
C HIS B 370 40.47 -4.14 -1.10
N ALA B 371 41.13 -3.39 -1.99
CA ALA B 371 42.57 -3.50 -2.16
C ALA B 371 43.24 -2.18 -1.77
N TYR B 372 42.65 -1.06 -2.20
CA TYR B 372 43.18 0.25 -1.83
C TYR B 372 43.01 0.49 -0.34
N LEU B 373 41.88 0.07 0.23
CA LEU B 373 41.62 0.24 1.65
C LEU B 373 42.44 -0.70 2.51
N LYS B 374 43.08 -1.71 1.92
CA LYS B 374 43.94 -2.61 2.68
C LYS B 374 45.13 -1.86 3.29
N VAL B 375 45.61 -0.83 2.59
CA VAL B 375 46.77 -0.08 3.03
C VAL B 375 46.39 1.37 3.29
N THR B 376 45.13 1.61 3.67
CA THR B 376 44.66 2.97 3.88
C THR B 376 45.36 3.63 5.06
N ARG B 377 45.92 2.84 5.97
CA ARG B 377 46.65 3.34 7.13
C ARG B 377 45.81 4.28 7.99
N VAL B 382 38.59 0.70 9.73
CA VAL B 382 37.25 0.79 9.18
C VAL B 382 37.09 -0.13 7.99
N VAL B 383 37.97 -1.13 7.89
CA VAL B 383 37.97 -2.08 6.77
C VAL B 383 38.85 -3.29 7.11
N PHE B 384 40.06 -3.36 6.54
CA PHE B 384 41.07 -4.37 6.84
C PHE B 384 40.71 -5.73 6.23
N THR B 385 39.53 -5.81 5.60
CA THR B 385 39.07 -7.03 4.93
C THR B 385 39.03 -8.23 5.88
N LEU B 386 38.76 -9.42 5.32
CA LEU B 386 38.84 -10.65 6.08
C LEU B 386 39.80 -11.63 5.41
N GLN B 429 29.25 -13.09 -1.32
CA GLN B 429 29.40 -13.79 -2.59
C GLN B 429 28.67 -13.06 -3.71
N ASP B 430 27.71 -12.20 -3.33
CA ASP B 430 26.98 -11.42 -4.33
C ASP B 430 27.86 -10.41 -5.04
N GLN B 431 28.94 -9.95 -4.41
CA GLN B 431 29.90 -9.07 -5.03
C GLN B 431 31.27 -9.77 -5.09
N ASP B 432 32.22 -9.14 -5.77
CA ASP B 432 33.54 -9.69 -5.91
C ASP B 432 34.30 -9.62 -4.58
N ALA B 433 35.23 -10.56 -4.40
CA ALA B 433 36.02 -10.62 -3.17
C ALA B 433 37.47 -10.95 -3.49
N THR B 454 36.39 -10.52 1.12
CA THR B 454 36.84 -9.20 1.56
C THR B 454 35.66 -8.31 1.94
N TYR B 455 35.68 -7.82 3.18
CA TYR B 455 34.60 -6.99 3.70
C TYR B 455 35.15 -5.62 4.04
N VAL B 456 34.26 -4.63 4.07
CA VAL B 456 34.60 -3.26 4.44
C VAL B 456 33.77 -2.91 5.68
N LEU B 457 34.43 -2.36 6.70
CA LEU B 457 33.77 -2.04 7.97
C LEU B 457 33.27 -0.59 7.95
N ASN B 458 32.54 -0.27 6.89
CA ASN B 458 31.96 1.06 6.69
C ASN B 458 33.01 2.17 6.78
N THR B 688 24.95 -2.02 9.91
CA THR B 688 26.33 -1.58 10.01
C THR B 688 27.28 -2.75 10.23
N LEU B 689 28.09 -3.05 9.23
CA LEU B 689 29.08 -4.13 9.32
C LEU B 689 30.23 -3.66 10.20
N MET B 690 30.16 -3.96 11.49
CA MET B 690 31.17 -3.49 12.43
C MET B 690 31.94 -4.66 13.03
N GLY B 691 31.22 -5.64 13.57
CA GLY B 691 31.84 -6.74 14.28
C GLY B 691 31.57 -8.11 13.69
N TYR B 692 32.32 -9.09 14.16
CA TYR B 692 32.15 -10.48 13.78
C TYR B 692 32.79 -11.35 14.87
N THR B 693 32.66 -12.67 14.73
CA THR B 693 33.27 -13.59 15.67
C THR B 693 33.44 -14.97 15.04
N PRO B 723 31.97 -18.73 12.12
CA PRO B 723 31.89 -17.34 12.58
C PRO B 723 30.46 -16.79 12.55
N TYR B 724 30.23 -15.68 13.26
CA TYR B 724 28.91 -15.04 13.32
C TYR B 724 29.11 -13.56 13.05
N VAL B 725 28.92 -13.16 11.79
CA VAL B 725 29.13 -11.77 11.41
C VAL B 725 27.97 -10.92 11.90
N VAL B 726 28.28 -9.88 12.68
CA VAL B 726 27.27 -9.00 13.22
C VAL B 726 27.51 -7.56 12.75
N VAL B 736 21.57 -14.36 12.77
CA VAL B 736 22.64 -14.78 11.89
C VAL B 736 22.63 -16.30 11.75
N VAL B 737 22.66 -16.78 10.51
CA VAL B 737 22.61 -18.22 10.24
C VAL B 737 24.01 -18.69 9.91
N ASN B 738 24.93 -17.74 9.74
CA ASN B 738 26.31 -18.02 9.40
C ASN B 738 26.44 -18.94 8.19
N TYR B 761 28.04 -15.94 7.28
CA TYR B 761 28.97 -14.90 6.84
C TYR B 761 28.57 -14.36 5.47
N GLY B 762 27.36 -14.72 5.03
CA GLY B 762 26.86 -14.25 3.75
C GLY B 762 25.96 -13.04 3.88
N ILE B 763 26.50 -11.86 3.58
CA ILE B 763 25.75 -10.61 3.68
C ILE B 763 25.87 -9.87 2.35
N SER B 764 25.12 -8.77 2.25
CA SER B 764 25.08 -7.96 1.04
C SER B 764 25.87 -6.68 1.25
N SER B 765 26.77 -6.38 0.31
CA SER B 765 27.56 -5.14 0.34
C SER B 765 26.86 -4.10 -0.51
N LYS B 766 26.43 -3.01 0.12
CA LYS B 766 25.67 -1.96 -0.57
C LYS B 766 26.57 -0.82 -1.07
N LEU B 767 27.88 -0.95 -0.94
CA LEU B 767 28.83 0.10 -1.29
C LEU B 767 28.79 0.49 -2.76
N ALA B 768 28.46 -0.45 -3.64
CA ALA B 768 28.23 -0.18 -5.06
C ALA B 768 27.31 -1.26 -5.59
N MET B 769 26.47 -0.90 -6.56
CA MET B 769 25.55 -1.89 -7.10
C MET B 769 25.14 -1.44 -8.51
N THR B 770 24.69 -2.39 -9.32
CA THR B 770 24.52 -2.18 -10.74
C THR B 770 23.21 -1.44 -11.02
N ILE B 771 23.16 -0.77 -12.18
CA ILE B 771 22.03 0.09 -12.52
C ILE B 771 20.75 -0.71 -12.71
N THR B 772 20.86 -1.92 -13.26
CA THR B 772 19.68 -2.78 -13.44
C THR B 772 19.05 -3.14 -12.10
N ARG B 773 19.89 -3.50 -11.12
CA ARG B 773 19.40 -3.84 -9.79
C ARG B 773 19.18 -2.59 -8.94
N SER B 774 19.69 -1.44 -9.40
CA SER B 774 19.58 -0.21 -8.63
C SER B 774 18.13 0.17 -8.36
N GLN B 775 17.26 -0.03 -9.34
CA GLN B 775 15.83 0.24 -9.20
C GLN B 775 15.23 -0.55 -8.04
N GLY B 776 14.15 -0.01 -7.47
CA GLY B 776 13.45 -0.68 -6.40
C GLY B 776 14.04 -0.50 -5.02
N LEU B 777 15.12 0.25 -4.89
CA LEU B 777 15.75 0.47 -3.61
C LEU B 777 15.64 1.95 -3.22
N SER B 778 16.16 2.30 -2.05
CA SER B 778 16.15 3.68 -1.58
C SER B 778 17.50 4.00 -0.97
N LEU B 779 18.25 4.89 -1.61
CA LEU B 779 19.59 5.26 -1.20
C LEU B 779 19.70 6.78 -1.12
N ASP B 780 20.80 7.24 -0.50
CA ASP B 780 21.05 8.68 -0.38
C ASP B 780 22.51 9.03 -0.63
N LYS B 781 23.28 8.13 -1.21
CA LYS B 781 24.71 8.36 -1.42
C LYS B 781 25.17 7.88 -2.80
N VAL B 782 24.35 8.12 -3.82
CA VAL B 782 24.58 7.56 -5.15
C VAL B 782 25.71 8.33 -5.84
N ALA B 783 26.51 7.61 -6.64
CA ALA B 783 27.57 8.20 -7.47
C ALA B 783 27.57 7.40 -8.78
N ILE B 784 26.86 7.93 -9.78
CA ILE B 784 26.63 7.18 -11.01
C ILE B 784 27.90 7.16 -11.85
N CYS B 785 28.05 6.06 -12.62
CA CYS B 785 29.28 5.79 -13.39
C CYS B 785 28.93 5.35 -14.81
N PHE B 786 28.14 6.17 -15.52
CA PHE B 786 27.81 5.85 -16.90
C PHE B 786 29.06 5.59 -17.74
N THR B 787 28.86 4.87 -18.84
CA THR B 787 29.88 4.52 -19.81
C THR B 787 29.40 4.90 -21.21
N PRO B 788 30.31 5.29 -22.09
CA PRO B 788 29.89 5.62 -23.46
C PRO B 788 29.65 4.36 -24.28
N GLY B 789 28.90 4.52 -25.37
CA GLY B 789 28.55 3.43 -26.25
C GLY B 789 27.25 2.73 -25.89
N ASN B 790 27.03 2.43 -24.61
CA ASN B 790 25.80 1.80 -24.13
C ASN B 790 25.08 2.71 -23.15
N LEU B 791 24.96 4.00 -23.49
CA LEU B 791 24.37 5.01 -22.61
C LEU B 791 22.90 5.17 -22.96
N ARG B 792 22.03 4.68 -22.07
CA ARG B 792 20.59 4.87 -22.23
C ARG B 792 20.10 6.00 -21.33
N LEU B 793 18.92 6.51 -21.64
CA LEU B 793 18.27 7.53 -20.80
C LEU B 793 17.35 6.92 -19.74
N ASN B 794 16.75 5.76 -20.04
CA ASN B 794 15.97 5.06 -19.04
C ASN B 794 16.84 4.60 -17.87
N SER B 795 18.03 4.08 -18.15
CA SER B 795 18.97 3.71 -17.09
C SER B 795 19.41 4.95 -16.32
N ALA B 796 19.64 6.05 -17.03
CA ALA B 796 19.98 7.31 -16.37
C ALA B 796 18.84 7.79 -15.47
N TYR B 797 18.08 7.49 -16.28
CA TYR B 797 16.93 7.84 -15.46
C TYR B 797 16.85 6.97 -14.21
N VAL B 798 16.64 5.86 -14.01
CA VAL B 798 16.57 4.95 -12.88
C VAL B 798 17.65 5.28 -11.85
N ALA B 799 18.89 5.45 -12.32
CA ALA B 799 20.03 5.59 -11.41
C ALA B 799 20.11 6.96 -10.76
N MET B 800 19.46 7.98 -11.33
CA MET B 800 19.60 9.35 -10.83
C MET B 800 18.49 9.75 -9.86
N SER B 801 17.36 9.05 -9.88
CA SER B 801 16.25 9.35 -8.99
C SER B 801 16.27 8.51 -7.71
N ARG B 802 17.32 7.72 -7.50
CA ARG B 802 17.37 6.86 -6.33
C ARG B 802 17.62 7.66 -5.05
N THR B 803 18.14 8.88 -5.18
CA THR B 803 18.49 9.71 -4.04
C THR B 803 17.37 10.70 -3.75
N THR B 804 17.33 11.16 -2.50
CA THR B 804 16.31 12.11 -2.06
C THR B 804 16.66 13.52 -2.53
N SER B 805 17.83 14.01 -2.14
CA SER B 805 18.26 15.35 -2.51
C SER B 805 19.37 15.30 -3.55
N SER B 806 19.40 16.28 -4.45
CA SER B 806 20.40 16.35 -5.49
C SER B 806 21.77 16.76 -4.97
N GLU B 807 21.88 17.21 -3.72
CA GLU B 807 23.18 17.59 -3.18
C GLU B 807 24.07 16.36 -2.99
N PHE B 808 23.46 15.21 -2.70
CA PHE B 808 24.20 13.97 -2.50
C PHE B 808 24.35 13.22 -3.81
N LEU B 809 24.33 13.95 -4.93
CA LEU B 809 24.42 13.36 -6.26
C LEU B 809 25.77 13.66 -6.88
N ARG B 810 26.46 12.62 -7.32
CA ARG B 810 27.72 12.73 -8.04
C ARG B 810 27.62 11.86 -9.29
N MET B 811 28.40 12.20 -10.32
CA MET B 811 28.25 11.59 -11.63
C MET B 811 29.60 11.62 -12.34
N ASN B 812 29.56 11.34 -13.65
CA ASN B 812 30.68 11.33 -14.57
C ASN B 812 30.22 11.97 -15.88
N LEU B 813 30.90 11.67 -16.99
CA LEU B 813 30.49 12.16 -18.30
C LEU B 813 28.97 12.08 -18.45
N ASN B 814 28.36 13.22 -18.79
CA ASN B 814 26.92 13.45 -18.73
C ASN B 814 26.09 12.53 -19.63
N PRO B 815 24.95 12.04 -19.12
CA PRO B 815 24.02 11.27 -19.95
C PRO B 815 23.33 12.12 -21.01
N LEU B 816 22.79 13.27 -20.59
CA LEU B 816 22.23 14.22 -21.53
C LEU B 816 23.32 14.78 -22.42
N ARG B 817 22.93 15.21 -23.63
CA ARG B 817 23.84 15.57 -24.72
C ARG B 817 24.39 14.25 -25.26
N GLU B 818 25.47 14.29 -26.03
CA GLU B 818 26.09 13.08 -26.56
C GLU B 818 25.08 12.28 -27.39
N ARG B 819 25.33 10.98 -27.57
CA ARG B 819 24.42 10.10 -28.28
C ARG B 819 23.70 9.21 -27.28
N HIS B 820 22.38 9.37 -27.18
CA HIS B 820 21.56 8.61 -26.25
C HIS B 820 20.37 7.98 -26.98
N GLU B 821 20.05 6.75 -26.61
CA GLU B 821 18.93 6.03 -27.19
C GLU B 821 17.67 6.29 -26.37
N ARG B 822 16.54 6.45 -27.06
CA ARG B 822 15.29 6.81 -26.42
C ARG B 822 14.21 5.77 -26.72
N ASP B 823 13.36 5.52 -25.73
CA ASP B 823 12.21 4.63 -25.87
C ASP B 823 10.95 5.48 -25.77
N ASP B 824 10.45 5.93 -26.92
CA ASP B 824 9.35 6.88 -26.94
C ASP B 824 8.01 6.20 -26.69
N VAL B 825 7.95 4.87 -26.80
CA VAL B 825 6.70 4.14 -26.70
C VAL B 825 6.03 4.33 -25.35
N ILE B 826 6.78 4.08 -24.27
CA ILE B 826 6.17 4.11 -22.93
C ILE B 826 5.81 5.53 -22.54
N SER B 827 6.69 6.49 -22.86
CA SER B 827 6.39 7.89 -22.55
C SER B 827 5.17 8.38 -23.31
N GLU B 828 5.08 8.02 -24.60
CA GLU B 828 3.93 8.43 -25.40
C GLU B 828 2.65 7.78 -24.90
N HIS B 829 2.72 6.50 -24.50
CA HIS B 829 1.54 5.85 -23.95
C HIS B 829 1.10 6.50 -22.64
N ILE B 830 2.05 6.87 -21.78
CA ILE B 830 1.69 7.54 -20.53
C ILE B 830 1.07 8.91 -20.82
N LEU B 831 1.64 9.66 -21.77
CA LEU B 831 1.08 10.96 -22.11
C LEU B 831 -0.33 10.83 -22.69
N SER B 832 -0.54 9.83 -23.55
CA SER B 832 -1.88 9.60 -24.09
C SER B 832 -2.86 9.21 -23.00
N ALA B 833 -2.41 8.43 -22.02
CA ALA B 833 -3.26 8.11 -20.87
C ALA B 833 -3.63 9.37 -20.10
N LEU B 834 -2.66 10.27 -19.94
CA LEU B 834 -2.90 11.53 -19.24
C LEU B 834 -3.91 12.41 -19.99
N ARG B 835 -4.13 12.12 -21.27
CA ARG B 835 -5.08 12.86 -22.08
C ARG B 835 -6.37 12.07 -22.28
N ASP B 836 -6.61 11.09 -21.42
CA ASP B 836 -7.79 10.25 -21.43
C ASP B 836 -8.71 10.63 -20.27
N PRO B 837 -9.92 11.13 -20.55
CA PRO B 837 -10.83 11.51 -19.47
C PRO B 837 -11.34 10.34 -18.65
N ASN B 838 -11.21 9.11 -19.13
CA ASN B 838 -11.71 7.95 -18.40
C ASN B 838 -10.84 7.59 -17.21
N VAL B 839 -9.53 7.74 -17.31
CA VAL B 839 -8.64 7.43 -16.20
C VAL B 839 -8.71 8.56 -15.19
N VAL B 840 -8.42 8.25 -13.93
CA VAL B 840 -8.38 9.24 -12.86
C VAL B 840 -6.93 9.48 -12.46
N ILE B 841 -6.63 10.72 -12.10
CA ILE B 841 -5.29 11.14 -11.70
C ILE B 841 -5.37 11.74 -10.29
N VAL B 842 -4.45 11.35 -9.43
CA VAL B 842 -4.44 11.76 -8.03
C VAL B 842 -3.05 12.26 -7.68
N TYR B 843 -2.98 13.43 -7.04
CA TYR B 843 -1.71 13.97 -6.58
C TYR B 843 -1.36 13.41 -5.20
C10 A1BXD C . 5.94 18.86 -7.85
N12 A1BXD C . 6.69 17.63 -7.53
C13 A1BXD C . 7.04 16.58 -8.49
C15 A1BXD C . 8.79 15.40 -9.65
C17 A1BXD C . 6.45 14.75 -9.90
C21 A1BXD C . 9.49 11.83 -11.81
C24 A1BXD C . 5.26 21.89 -7.94
C26 A1BXD C . 4.45 22.92 -8.34
C28 A1BXD C . 4.44 25.42 -8.94
C01 A1BXD C . 2.31 19.76 -8.38
C02 A1BXD C . 2.25 20.48 -7.03
C03 A1BXD C . 1.00 20.61 -6.42
C04 A1BXD C . 0.86 21.25 -5.19
C05 A1BXD C . 1.97 21.75 -4.56
C06 A1BXD C . 3.22 21.63 -5.17
C07 A1BXD C . 3.36 20.98 -6.42
N08 A1BXD C . 4.75 20.87 -7.02
C09 A1BXD C . 5.66 19.80 -6.66
O11 A1BXD C . 5.60 19.07 -8.97
C14 A1BXD C . 8.42 16.40 -8.78
C16 A1BXD C . 7.83 14.59 -10.19
C18 A1BXD C . 6.06 15.76 -9.02
C19 A1BXD C . 8.38 13.52 -11.12
N20 A1BXD C . 9.20 12.53 -10.73
O22 A1BXD C . 8.91 12.39 -12.82
N23 A1BXD C . 8.23 13.42 -12.42
O25 A1BXD C . 6.33 21.79 -8.40
C27 A1BXD C . 5.30 24.33 -8.29
S29 A1BXD C . 4.18 24.96 -10.47
O30 A1BXD C . 5.64 24.66 -11.22
O31 A1BXD C . 3.37 26.13 -11.26
C32 A1BXD C . 3.26 23.59 -10.55
C33 A1BXD C . 4.06 22.48 -9.86
C34 A1BXD C . 4.43 22.20 -4.43
#